data_8OMD
#
_entry.id   8OMD
#
_cell.length_a   47.420
_cell.length_b   55.604
_cell.length_c   136.632
_cell.angle_alpha   91.40
_cell.angle_beta   93.10
_cell.angle_gamma   115.34
#
_symmetry.space_group_name_H-M   'P 1'
#
loop_
_entity.id
_entity.type
_entity.pdbx_description
1 polymer Ketohexokinase
2 non-polymer compound
3 water water
#
_entity_poly.entity_id   1
_entity_poly.type   'polypeptide(L)'
_entity_poly.pdbx_seq_one_letter_code
;MGSSHHHHHHSSGLVPRGGEEKQILCVGLVVLDIINVVDKYPEEDTDRRCLSQRWQRGGNASNSCTVLSLLGARCAFMGS
LAPGHVADFLVADFRQRGVDVSQVTWQSQGDTPCSCCIVNNSNGSRTIILYDTNLPDVSAKDFEKVDLTRFKWIHIEGRN
ASEQVKMLQRIEEHNAKQPLPQKVRVSVEIEKPREELFQLFSYGEVVFVSKDVAKHLGFQSAVEALRGLYSRVKKGATLV
CAWAEEGADALGPDGQLLHSDAFPPPRVVDTLGAGDTFNASVIFSLSKGNSMQEALRFGCQVAGKKCGLQGFDGIV
;
_entity_poly.pdbx_strand_id   A,B,C,D
#
loop_
_chem_comp.id
_chem_comp.type
_chem_comp.name
_chem_comp.formula
VTJ non-polymer compound 'C29 H30 N2 O3 S'
#
# COMPACT_ATOMS: atom_id res chain seq x y z
N GLU A 21 -2.69 -19.67 -3.16
CA GLU A 21 -4.04 -20.01 -3.59
C GLU A 21 -4.74 -18.81 -4.25
N LYS A 22 -5.27 -19.04 -5.46
CA LYS A 22 -5.93 -18.00 -6.26
C LYS A 22 -7.32 -17.62 -5.74
N GLN A 23 -7.68 -16.36 -5.90
CA GLN A 23 -8.96 -15.86 -5.42
C GLN A 23 -10.03 -15.80 -6.50
N ILE A 24 -11.27 -15.52 -6.09
CA ILE A 24 -12.40 -15.29 -6.97
C ILE A 24 -12.72 -13.80 -6.80
N LEU A 25 -12.60 -13.02 -7.89
CA LEU A 25 -12.90 -11.60 -7.88
C LEU A 25 -14.34 -11.34 -8.36
N CYS A 26 -15.10 -10.56 -7.58
CA CYS A 26 -16.44 -10.09 -7.92
C CYS A 26 -16.37 -8.59 -8.08
N VAL A 27 -16.65 -8.10 -9.31
CA VAL A 27 -16.62 -6.69 -9.69
C VAL A 27 -18.07 -6.22 -9.77
N GLY A 28 -18.40 -5.16 -9.04
CA GLY A 28 -19.75 -4.62 -9.05
C GLY A 28 -20.07 -3.63 -7.95
N LEU A 29 -21.30 -3.71 -7.47
CA LEU A 29 -21.86 -2.79 -6.49
C LEU A 29 -21.81 -3.27 -5.03
N VAL A 30 -21.51 -2.32 -4.12
CA VAL A 30 -21.57 -2.46 -2.66
C VAL A 30 -22.56 -1.38 -2.14
N VAL A 31 -23.61 -1.83 -1.44
CA VAL A 31 -24.67 -0.96 -0.95
C VAL A 31 -24.89 -1.10 0.55
N LEU A 32 -25.36 -0.03 1.20
CA LEU A 32 -25.78 -0.14 2.59
C LEU A 32 -27.25 -0.52 2.54
N ASP A 33 -27.56 -1.76 2.90
CA ASP A 33 -28.96 -2.19 2.91
C ASP A 33 -29.55 -2.00 4.30
N ILE A 34 -30.56 -1.09 4.40
CA ILE A 34 -31.29 -0.86 5.66
C ILE A 34 -32.60 -1.65 5.55
N ILE A 35 -32.66 -2.78 6.28
CA ILE A 35 -33.73 -3.75 6.17
C ILE A 35 -34.68 -3.70 7.32
N ASN A 36 -35.95 -3.53 6.98
CA ASN A 36 -37.01 -3.58 7.97
C ASN A 36 -37.81 -4.83 7.68
N VAL A 37 -37.87 -5.76 8.66
CA VAL A 37 -38.63 -7.00 8.58
C VAL A 37 -40.00 -6.69 9.19
N VAL A 38 -41.06 -6.89 8.41
CA VAL A 38 -42.46 -6.63 8.80
C VAL A 38 -43.29 -7.91 8.74
N ASP A 39 -44.40 -7.96 9.50
CA ASP A 39 -45.29 -9.12 9.50
C ASP A 39 -46.28 -9.07 8.31
N LYS A 40 -46.49 -7.86 7.73
CA LYS A 40 -47.34 -7.62 6.56
C LYS A 40 -46.87 -6.36 5.81
N TYR A 41 -47.06 -6.35 4.48
CA TYR A 41 -46.65 -5.24 3.62
C TYR A 41 -47.43 -3.97 3.95
N PRO A 42 -46.73 -2.84 4.22
CA PRO A 42 -47.46 -1.62 4.60
C PRO A 42 -48.29 -1.01 3.48
N GLU A 43 -49.47 -0.54 3.85
CA GLU A 43 -50.39 0.18 2.97
C GLU A 43 -49.88 1.62 2.94
N GLU A 44 -49.96 2.28 1.78
CA GLU A 44 -49.52 3.66 1.59
C GLU A 44 -50.18 4.59 2.64
N ASP A 45 -49.35 5.47 3.26
CA ASP A 45 -49.73 6.48 4.28
C ASP A 45 -50.03 5.89 5.70
N THR A 46 -49.52 4.70 5.99
CA THR A 46 -49.71 4.10 7.31
C THR A 46 -48.37 4.11 8.05
N ASP A 47 -48.42 3.92 9.38
CA ASP A 47 -47.25 3.85 10.24
C ASP A 47 -47.25 2.52 10.92
N ARG A 48 -46.08 1.87 10.95
CA ARG A 48 -45.89 0.57 11.59
C ARG A 48 -44.52 0.51 12.24
N ARG A 49 -44.43 -0.34 13.27
CA ARG A 49 -43.18 -0.66 13.90
C ARG A 49 -42.70 -1.90 13.15
N CYS A 50 -41.40 -2.00 12.90
CA CYS A 50 -40.82 -3.19 12.28
C CYS A 50 -40.78 -4.31 13.33
N LEU A 51 -40.65 -5.56 12.88
CA LEU A 51 -40.47 -6.70 13.78
C LEU A 51 -38.99 -6.65 14.19
N SER A 52 -38.12 -6.28 13.21
CA SER A 52 -36.68 -6.09 13.39
C SER A 52 -36.12 -5.17 12.31
N GLN A 53 -34.96 -4.57 12.59
CA GLN A 53 -34.26 -3.74 11.62
C GLN A 53 -32.76 -4.09 11.64
N ARG A 54 -32.15 -4.19 10.45
CA ARG A 54 -30.73 -4.47 10.35
C ARG A 54 -30.07 -3.66 9.24
N TRP A 55 -28.82 -3.29 9.48
CA TRP A 55 -27.98 -2.57 8.54
C TRP A 55 -27.01 -3.61 8.02
N GLN A 56 -27.28 -4.08 6.80
CA GLN A 56 -26.57 -5.19 6.14
C GLN A 56 -25.80 -4.73 4.90
N ARG A 57 -24.60 -5.25 4.69
CA ARG A 57 -23.82 -4.94 3.49
C ARG A 57 -24.50 -5.67 2.28
N GLY A 58 -24.91 -4.88 1.29
CA GLY A 58 -25.61 -5.33 0.09
C GLY A 58 -24.92 -5.01 -1.22
N GLY A 59 -25.68 -5.02 -2.31
CA GLY A 59 -25.22 -4.90 -3.68
C GLY A 59 -25.05 -6.31 -4.20
N ASN A 60 -25.30 -6.56 -5.47
CA ASN A 60 -25.25 -7.91 -6.00
C ASN A 60 -23.88 -8.62 -5.96
N ALA A 61 -22.79 -7.98 -6.47
CA ALA A 61 -21.43 -8.54 -6.44
C ALA A 61 -20.93 -8.71 -4.98
N SER A 62 -21.29 -7.73 -4.13
CA SER A 62 -20.98 -7.66 -2.70
C SER A 62 -21.61 -8.85 -1.94
N ASN A 63 -22.88 -9.15 -2.23
CA ASN A 63 -23.62 -10.29 -1.67
C ASN A 63 -23.04 -11.62 -2.12
N SER A 64 -22.52 -11.69 -3.36
CA SER A 64 -21.92 -12.91 -3.87
C SER A 64 -20.65 -13.21 -3.11
N CYS A 65 -19.87 -12.16 -2.74
CA CYS A 65 -18.65 -12.25 -1.91
C CYS A 65 -18.98 -12.85 -0.53
N THR A 66 -20.09 -12.40 0.10
CA THR A 66 -20.58 -12.88 1.42
C THR A 66 -20.80 -14.41 1.34
N VAL A 67 -21.57 -14.87 0.32
CA VAL A 67 -21.91 -16.28 0.12
C VAL A 67 -20.64 -17.09 -0.21
N LEU A 68 -19.76 -16.57 -1.10
CA LEU A 68 -18.50 -17.25 -1.44
C LEU A 68 -17.62 -17.41 -0.22
N SER A 69 -17.53 -16.39 0.66
CA SER A 69 -16.73 -16.50 1.88
C SER A 69 -17.32 -17.53 2.84
N LEU A 70 -18.66 -17.55 3.02
CA LEU A 70 -19.36 -18.51 3.88
C LEU A 70 -19.15 -19.95 3.40
N LEU A 71 -19.04 -20.15 2.07
CA LEU A 71 -18.82 -21.47 1.48
C LEU A 71 -17.35 -21.96 1.59
N GLY A 72 -16.44 -21.06 1.93
CA GLY A 72 -15.02 -21.39 2.10
C GLY A 72 -14.09 -20.95 0.99
N ALA A 73 -14.60 -20.16 0.04
CA ALA A 73 -13.79 -19.65 -1.05
C ALA A 73 -13.08 -18.35 -0.65
N ARG A 74 -11.83 -18.19 -1.11
CA ARG A 74 -11.05 -16.98 -0.90
C ARG A 74 -11.53 -16.06 -2.00
N CYS A 75 -12.23 -14.99 -1.59
CA CYS A 75 -12.74 -14.05 -2.55
C CYS A 75 -12.36 -12.61 -2.20
N ALA A 76 -12.39 -11.76 -3.22
CA ALA A 76 -12.07 -10.36 -3.18
C ALA A 76 -13.24 -9.59 -3.80
N PHE A 77 -13.33 -8.31 -3.46
CA PHE A 77 -14.35 -7.44 -4.01
C PHE A 77 -13.72 -6.23 -4.69
N MET A 78 -14.25 -5.87 -5.86
CA MET A 78 -13.84 -4.66 -6.59
C MET A 78 -15.07 -3.85 -6.86
N GLY A 79 -15.13 -2.69 -6.22
CA GLY A 79 -16.24 -1.76 -6.35
C GLY A 79 -15.88 -0.43 -5.75
N SER A 80 -16.72 0.58 -5.99
CA SER A 80 -16.51 1.92 -5.49
C SER A 80 -17.10 2.14 -4.11
N LEU A 81 -16.43 2.99 -3.34
CA LEU A 81 -16.86 3.45 -2.01
C LEU A 81 -16.41 4.90 -1.87
N ALA A 82 -17.21 5.70 -1.17
CA ALA A 82 -16.86 7.09 -0.86
C ALA A 82 -16.49 7.12 0.63
N PRO A 83 -15.47 7.89 1.07
CA PRO A 83 -15.16 7.91 2.51
C PRO A 83 -16.33 8.42 3.35
N GLY A 84 -16.49 7.82 4.52
CA GLY A 84 -17.53 8.12 5.49
C GLY A 84 -17.71 6.98 6.46
N HIS A 85 -18.62 7.16 7.44
CA HIS A 85 -18.94 6.14 8.44
C HIS A 85 -19.60 4.92 7.84
N VAL A 86 -20.35 5.11 6.73
CA VAL A 86 -21.05 4.04 6.00
C VAL A 86 -20.02 3.10 5.35
N ALA A 87 -19.05 3.66 4.58
CA ALA A 87 -17.98 2.88 3.93
C ALA A 87 -17.13 2.12 4.95
N ASP A 88 -16.81 2.74 6.12
CA ASP A 88 -16.04 2.13 7.21
C ASP A 88 -16.71 0.87 7.73
N PHE A 89 -18.05 0.93 7.92
CA PHE A 89 -18.90 -0.18 8.35
C PHE A 89 -18.90 -1.28 7.29
N LEU A 90 -19.10 -0.91 6.00
CA LEU A 90 -19.13 -1.87 4.88
C LEU A 90 -17.79 -2.61 4.72
N VAL A 91 -16.67 -1.85 4.81
CA VAL A 91 -15.29 -2.38 4.76
C VAL A 91 -15.05 -3.30 5.97
N ALA A 92 -15.47 -2.86 7.18
CA ALA A 92 -15.31 -3.65 8.42
C ALA A 92 -16.10 -4.95 8.33
N ASP A 93 -17.26 -4.94 7.64
CA ASP A 93 -18.08 -6.14 7.44
C ASP A 93 -17.39 -7.11 6.47
N PHE A 94 -16.89 -6.60 5.35
CA PHE A 94 -16.16 -7.37 4.34
C PHE A 94 -14.95 -8.08 4.99
N ARG A 95 -14.17 -7.33 5.81
CA ARG A 95 -12.97 -7.80 6.50
C ARG A 95 -13.29 -8.90 7.49
N GLN A 96 -14.39 -8.72 8.27
CA GLN A 96 -14.85 -9.67 9.29
C GLN A 96 -15.23 -10.99 8.63
N ARG A 97 -15.71 -10.93 7.38
CA ARG A 97 -16.09 -12.09 6.58
C ARG A 97 -14.92 -12.68 5.78
N GLY A 98 -13.76 -12.05 5.84
CA GLY A 98 -12.56 -12.50 5.13
C GLY A 98 -12.59 -12.26 3.63
N VAL A 99 -13.30 -11.22 3.19
CA VAL A 99 -13.37 -10.80 1.78
C VAL A 99 -12.27 -9.75 1.64
N ASP A 100 -11.35 -9.97 0.69
CA ASP A 100 -10.23 -9.08 0.37
C ASP A 100 -10.81 -7.78 -0.21
N VAL A 101 -10.41 -6.62 0.33
CA VAL A 101 -10.91 -5.31 -0.13
C VAL A 101 -9.83 -4.41 -0.77
N SER A 102 -8.68 -4.99 -1.14
CA SER A 102 -7.54 -4.27 -1.74
C SER A 102 -7.84 -3.65 -3.11
N GLN A 103 -8.86 -4.16 -3.84
CA GLN A 103 -9.24 -3.67 -5.18
C GLN A 103 -10.37 -2.64 -5.14
N VAL A 104 -10.81 -2.23 -3.93
CA VAL A 104 -11.85 -1.21 -3.75
C VAL A 104 -11.37 0.11 -4.37
N THR A 105 -12.23 0.75 -5.19
CA THR A 105 -11.92 2.03 -5.83
C THR A 105 -12.50 3.15 -4.98
N TRP A 106 -11.65 3.75 -4.13
CA TRP A 106 -12.03 4.85 -3.25
C TRP A 106 -12.27 6.11 -4.05
N GLN A 107 -13.48 6.68 -3.94
CA GLN A 107 -13.88 7.89 -4.67
C GLN A 107 -13.82 9.12 -3.76
N SER A 108 -13.09 10.17 -4.18
CA SER A 108 -12.96 11.46 -3.44
C SER A 108 -14.29 12.22 -3.39
N GLN A 109 -15.14 12.03 -4.42
CA GLN A 109 -16.43 12.69 -4.56
C GLN A 109 -17.54 11.67 -4.68
N GLY A 110 -18.69 12.01 -4.12
CA GLY A 110 -19.87 11.17 -4.21
C GLY A 110 -20.34 10.55 -2.92
N ASP A 111 -21.38 9.71 -3.04
CA ASP A 111 -22.04 9.04 -1.93
C ASP A 111 -22.12 7.56 -2.11
N THR A 112 -21.80 6.83 -1.03
CA THR A 112 -21.88 5.38 -0.95
C THR A 112 -23.37 4.99 -1.15
N PRO A 113 -23.68 4.03 -2.06
CA PRO A 113 -25.09 3.68 -2.28
C PRO A 113 -25.80 3.16 -1.04
N CYS A 114 -27.09 3.51 -0.91
CA CYS A 114 -27.90 3.07 0.23
C CYS A 114 -29.30 2.72 -0.22
N SER A 115 -29.79 1.57 0.23
CA SER A 115 -31.15 1.16 -0.10
C SER A 115 -31.95 0.94 1.17
N CYS A 116 -33.26 1.15 1.07
CA CYS A 116 -34.18 0.86 2.16
C CYS A 116 -35.02 -0.30 1.67
N CYS A 117 -34.96 -1.39 2.44
CA CYS A 117 -35.59 -2.64 2.07
C CYS A 117 -36.66 -3.04 3.04
N ILE A 118 -37.81 -3.45 2.50
CA ILE A 118 -38.93 -3.94 3.29
C ILE A 118 -39.00 -5.45 3.05
N VAL A 119 -38.67 -6.24 4.07
CA VAL A 119 -38.73 -7.69 3.99
C VAL A 119 -40.02 -8.12 4.72
N ASN A 120 -40.96 -8.75 4.00
CA ASN A 120 -42.21 -9.24 4.61
C ASN A 120 -41.98 -10.70 5.05
N ASN A 121 -42.02 -10.98 6.36
CA ASN A 121 -41.69 -12.33 6.87
C ASN A 121 -42.83 -13.37 6.70
N SER A 122 -44.05 -12.92 6.38
CA SER A 122 -45.17 -13.82 6.12
C SER A 122 -45.08 -14.52 4.75
N ASN A 123 -44.28 -13.97 3.79
CA ASN A 123 -44.14 -14.54 2.45
C ASN A 123 -42.71 -14.44 1.86
N GLY A 124 -41.81 -13.78 2.59
CA GLY A 124 -40.41 -13.61 2.18
C GLY A 124 -40.14 -12.55 1.15
N SER A 125 -41.18 -11.80 0.74
CA SER A 125 -41.03 -10.74 -0.25
C SER A 125 -40.04 -9.65 0.20
N ARG A 126 -39.39 -9.02 -0.79
CA ARG A 126 -38.48 -7.91 -0.55
C ARG A 126 -38.78 -6.79 -1.51
N THR A 127 -39.00 -5.60 -0.95
CA THR A 127 -39.32 -4.37 -1.70
C THR A 127 -38.15 -3.41 -1.44
N ILE A 128 -37.41 -3.08 -2.51
CA ILE A 128 -36.22 -2.25 -2.44
C ILE A 128 -36.37 -0.88 -3.11
N ILE A 129 -35.93 0.17 -2.40
CA ILE A 129 -35.83 1.53 -2.89
C ILE A 129 -34.35 1.87 -2.77
N LEU A 130 -33.68 2.00 -3.91
CA LEU A 130 -32.25 2.21 -3.97
C LEU A 130 -31.83 3.62 -4.39
N TYR A 131 -30.77 4.13 -3.72
CA TYR A 131 -30.06 5.38 -4.03
C TYR A 131 -28.64 4.92 -4.39
N ASP A 132 -28.28 5.00 -5.68
CA ASP A 132 -26.96 4.52 -6.15
C ASP A 132 -26.45 5.38 -7.31
N THR A 133 -27.11 6.51 -7.57
CA THR A 133 -26.85 7.39 -8.69
C THR A 133 -25.73 8.44 -8.48
N ASN A 134 -25.14 8.55 -7.28
CA ASN A 134 -24.12 9.57 -7.05
C ASN A 134 -22.73 9.01 -6.68
N LEU A 135 -22.25 8.01 -7.43
CA LEU A 135 -20.93 7.44 -7.20
C LEU A 135 -20.28 6.94 -8.48
N PRO A 136 -19.07 7.43 -8.83
CA PRO A 136 -18.41 6.95 -10.05
C PRO A 136 -18.15 5.45 -10.00
N ASP A 137 -18.40 4.78 -11.11
CA ASP A 137 -18.22 3.34 -11.24
C ASP A 137 -16.76 2.98 -11.43
N VAL A 138 -16.44 1.68 -11.27
CA VAL A 138 -15.12 1.13 -11.49
C VAL A 138 -14.88 1.31 -12.99
N SER A 139 -13.77 1.94 -13.36
CA SER A 139 -13.45 2.17 -14.77
C SER A 139 -12.58 1.03 -15.32
N ALA A 140 -12.42 0.98 -16.65
CA ALA A 140 -11.54 0.02 -17.32
C ALA A 140 -10.10 0.35 -16.93
N LYS A 141 -9.81 1.64 -16.71
CA LYS A 141 -8.53 2.15 -16.25
C LYS A 141 -8.21 1.60 -14.84
N ASP A 142 -9.22 1.58 -13.93
CA ASP A 142 -9.08 1.01 -12.57
C ASP A 142 -8.82 -0.49 -12.66
N PHE A 143 -9.57 -1.19 -13.54
CA PHE A 143 -9.41 -2.63 -13.75
C PHE A 143 -8.04 -3.00 -14.34
N GLU A 144 -7.37 -2.08 -15.08
CA GLU A 144 -6.07 -2.31 -15.67
C GLU A 144 -4.97 -2.63 -14.62
N LYS A 145 -5.19 -2.23 -13.36
CA LYS A 145 -4.28 -2.42 -12.25
C LYS A 145 -4.41 -3.82 -11.62
N VAL A 146 -5.53 -4.53 -11.91
CA VAL A 146 -5.81 -5.87 -11.41
C VAL A 146 -4.79 -6.85 -12.00
N ASP A 147 -4.12 -7.62 -11.12
CA ASP A 147 -3.16 -8.65 -11.50
C ASP A 147 -3.98 -9.89 -11.77
N LEU A 148 -4.17 -10.23 -13.06
CA LEU A 148 -5.04 -11.33 -13.46
C LEU A 148 -4.50 -12.70 -13.07
N THR A 149 -3.18 -12.82 -12.77
CA THR A 149 -2.57 -14.07 -12.31
C THR A 149 -2.98 -14.45 -10.87
N ARG A 150 -3.51 -13.49 -10.09
CA ARG A 150 -3.94 -13.76 -8.73
C ARG A 150 -5.38 -14.30 -8.65
N PHE A 151 -6.10 -14.33 -9.80
CA PHE A 151 -7.48 -14.78 -9.83
C PHE A 151 -7.72 -15.95 -10.75
N LYS A 152 -8.50 -16.93 -10.29
CA LYS A 152 -8.88 -18.11 -11.07
C LYS A 152 -10.27 -17.88 -11.68
N TRP A 153 -11.06 -16.98 -11.06
CA TRP A 153 -12.40 -16.65 -11.50
C TRP A 153 -12.67 -15.17 -11.31
N ILE A 154 -13.23 -14.52 -12.34
CA ILE A 154 -13.67 -13.12 -12.30
C ILE A 154 -15.14 -13.06 -12.70
N HIS A 155 -15.99 -12.60 -11.76
CA HIS A 155 -17.40 -12.42 -11.95
C HIS A 155 -17.69 -10.93 -12.07
N ILE A 156 -18.38 -10.55 -13.14
CA ILE A 156 -18.71 -9.16 -13.34
C ILE A 156 -20.23 -8.93 -13.24
N GLU A 157 -20.62 -8.07 -12.30
CA GLU A 157 -21.98 -7.62 -12.12
C GLU A 157 -22.21 -6.52 -13.17
N GLY A 158 -23.04 -6.82 -14.17
CA GLY A 158 -23.38 -5.89 -15.24
C GLY A 158 -23.92 -4.58 -14.73
N ARG A 159 -23.22 -3.48 -15.06
CA ARG A 159 -23.58 -2.14 -14.63
C ARG A 159 -23.26 -1.09 -15.72
N ASN A 160 -22.00 -0.62 -15.79
CA ASN A 160 -21.50 0.33 -16.77
C ASN A 160 -20.86 -0.52 -17.88
N ALA A 161 -21.74 -1.13 -18.71
CA ALA A 161 -21.42 -2.09 -19.78
C ALA A 161 -20.28 -1.68 -20.70
N SER A 162 -20.27 -0.43 -21.21
CA SER A 162 -19.21 0.01 -22.13
C SER A 162 -17.81 -0.07 -21.50
N GLU A 163 -17.66 0.28 -20.21
CA GLU A 163 -16.38 0.17 -19.49
C GLU A 163 -16.07 -1.28 -19.16
N GLN A 164 -17.09 -2.04 -18.70
CA GLN A 164 -16.96 -3.46 -18.36
C GLN A 164 -16.58 -4.32 -19.57
N VAL A 165 -17.00 -3.92 -20.80
CA VAL A 165 -16.66 -4.60 -22.06
C VAL A 165 -15.13 -4.54 -22.26
N LYS A 166 -14.50 -3.39 -21.93
CA LYS A 166 -13.05 -3.22 -22.03
C LYS A 166 -12.34 -4.10 -21.01
N MET A 167 -12.93 -4.24 -19.79
CA MET A 167 -12.39 -5.11 -18.74
C MET A 167 -12.38 -6.56 -19.27
N LEU A 168 -13.50 -6.98 -19.91
CA LEU A 168 -13.71 -8.31 -20.45
C LEU A 168 -12.76 -8.62 -21.60
N GLN A 169 -12.46 -7.60 -22.43
CA GLN A 169 -11.50 -7.66 -23.53
C GLN A 169 -10.08 -7.84 -22.98
N ARG A 170 -9.76 -7.18 -21.83
CA ARG A 170 -8.45 -7.29 -21.18
C ARG A 170 -8.21 -8.73 -20.72
N ILE A 171 -9.23 -9.36 -20.10
CA ILE A 171 -9.15 -10.77 -19.63
C ILE A 171 -8.95 -11.73 -20.82
N GLU A 172 -9.65 -11.47 -21.95
CA GLU A 172 -9.58 -12.27 -23.17
C GLU A 172 -8.19 -12.25 -23.76
N GLU A 173 -7.55 -11.06 -23.80
CA GLU A 173 -6.19 -10.88 -24.29
C GLU A 173 -5.23 -11.69 -23.40
N HIS A 174 -5.40 -11.59 -22.08
CA HIS A 174 -4.62 -12.28 -21.05
C HIS A 174 -4.70 -13.80 -21.20
N ASN A 175 -5.93 -14.36 -21.26
CA ASN A 175 -6.20 -15.79 -21.40
C ASN A 175 -5.64 -16.41 -22.68
N ALA A 176 -5.65 -15.67 -23.82
CA ALA A 176 -5.14 -16.15 -25.10
C ALA A 176 -3.65 -16.52 -25.06
N LYS A 177 -2.90 -15.87 -24.16
CA LYS A 177 -1.46 -16.05 -23.97
C LYS A 177 -1.16 -17.07 -22.86
N GLN A 178 -2.20 -17.57 -22.17
CA GLN A 178 -2.04 -18.50 -21.05
C GLN A 178 -2.36 -19.95 -21.38
N PRO A 179 -1.67 -20.95 -20.76
CA PRO A 179 -2.12 -22.34 -20.93
C PRO A 179 -3.46 -22.51 -20.22
N LEU A 180 -4.24 -23.53 -20.62
CA LEU A 180 -5.57 -23.85 -20.07
C LEU A 180 -5.69 -23.71 -18.52
N PRO A 181 -4.82 -24.27 -17.64
CA PRO A 181 -5.03 -24.07 -16.18
C PRO A 181 -4.74 -22.65 -15.67
N GLN A 182 -4.05 -21.82 -16.49
CA GLN A 182 -3.71 -20.43 -16.18
C GLN A 182 -4.70 -19.41 -16.76
N LYS A 183 -5.76 -19.87 -17.45
CA LYS A 183 -6.78 -18.97 -17.99
C LYS A 183 -7.79 -18.63 -16.87
N VAL A 184 -8.14 -17.37 -16.75
CA VAL A 184 -9.07 -16.91 -15.72
C VAL A 184 -10.50 -17.22 -16.20
N ARG A 185 -11.29 -17.92 -15.37
CA ARG A 185 -12.69 -18.22 -15.72
C ARG A 185 -13.52 -16.95 -15.51
N VAL A 186 -14.44 -16.69 -16.44
CA VAL A 186 -15.23 -15.46 -16.40
C VAL A 186 -16.73 -15.73 -16.42
N SER A 187 -17.45 -15.08 -15.52
CA SER A 187 -18.91 -15.09 -15.49
C SER A 187 -19.42 -13.65 -15.50
N VAL A 188 -20.62 -13.45 -16.03
CA VAL A 188 -21.23 -12.14 -16.08
C VAL A 188 -22.71 -12.26 -15.64
N GLU A 189 -23.21 -11.27 -14.90
CA GLU A 189 -24.61 -11.30 -14.56
C GLU A 189 -25.36 -10.15 -15.27
N ILE A 190 -26.54 -10.46 -15.78
CA ILE A 190 -27.44 -9.52 -16.46
C ILE A 190 -28.71 -9.59 -15.62
N GLU A 191 -28.76 -8.78 -14.56
CA GLU A 191 -29.84 -8.78 -13.57
C GLU A 191 -30.94 -7.74 -13.83
N LYS A 192 -30.54 -6.54 -14.27
CA LYS A 192 -31.45 -5.42 -14.51
C LYS A 192 -31.87 -5.30 -15.98
N PRO A 193 -33.17 -5.05 -16.28
CA PRO A 193 -33.60 -4.97 -17.68
C PRO A 193 -33.26 -3.64 -18.40
N ARG A 194 -31.97 -3.27 -18.37
CA ARG A 194 -31.41 -2.08 -19.02
C ARG A 194 -30.78 -2.51 -20.33
N GLU A 195 -31.12 -1.81 -21.43
CA GLU A 195 -30.68 -2.01 -22.81
C GLU A 195 -29.15 -2.13 -22.95
N GLU A 196 -28.40 -1.21 -22.27
CA GLU A 196 -26.93 -1.11 -22.24
C GLU A 196 -26.27 -2.46 -21.89
N LEU A 197 -26.82 -3.19 -20.89
CA LEU A 197 -26.34 -4.49 -20.40
C LEU A 197 -26.37 -5.64 -21.42
N PHE A 198 -27.21 -5.55 -22.46
CA PHE A 198 -27.37 -6.63 -23.44
C PHE A 198 -26.09 -6.94 -24.26
N GLN A 199 -25.13 -5.98 -24.32
CA GLN A 199 -23.85 -6.18 -24.99
C GLN A 199 -22.93 -7.13 -24.19
N LEU A 200 -23.23 -7.33 -22.87
CA LEU A 200 -22.47 -8.20 -21.96
C LEU A 200 -22.77 -9.69 -22.13
N PHE A 201 -23.87 -10.07 -22.82
CA PHE A 201 -24.23 -11.47 -23.12
C PHE A 201 -23.13 -12.21 -23.90
N SER A 202 -22.39 -11.46 -24.76
CA SER A 202 -21.30 -11.91 -25.64
C SER A 202 -19.99 -12.28 -24.93
N TYR A 203 -19.89 -12.02 -23.62
CA TYR A 203 -18.68 -12.25 -22.84
C TYR A 203 -18.92 -13.22 -21.69
N GLY A 204 -17.87 -13.92 -21.29
CA GLY A 204 -17.90 -14.88 -20.19
C GLY A 204 -18.24 -16.30 -20.60
N GLU A 205 -17.73 -17.28 -19.84
CA GLU A 205 -18.01 -18.72 -20.05
C GLU A 205 -19.37 -19.07 -19.41
N VAL A 206 -19.79 -18.29 -18.42
CA VAL A 206 -21.07 -18.46 -17.71
C VAL A 206 -21.77 -17.11 -17.69
N VAL A 207 -23.00 -17.07 -18.18
CA VAL A 207 -23.80 -15.85 -18.22
C VAL A 207 -25.06 -16.11 -17.40
N PHE A 208 -25.28 -15.29 -16.37
CA PHE A 208 -26.49 -15.38 -15.55
C PHE A 208 -27.48 -14.33 -16.04
N VAL A 209 -28.70 -14.77 -16.36
CA VAL A 209 -29.75 -13.85 -16.77
C VAL A 209 -30.91 -14.02 -15.78
N SER A 210 -31.37 -12.91 -15.19
CA SER A 210 -32.46 -12.97 -14.22
C SER A 210 -33.82 -13.20 -14.88
N LYS A 211 -34.79 -13.66 -14.06
CA LYS A 211 -36.19 -13.88 -14.44
C LYS A 211 -36.78 -12.51 -14.88
N ASP A 212 -36.41 -11.40 -14.18
CA ASP A 212 -36.80 -10.02 -14.46
C ASP A 212 -36.39 -9.58 -15.89
N VAL A 213 -35.10 -9.81 -16.27
CA VAL A 213 -34.58 -9.50 -17.61
C VAL A 213 -35.35 -10.32 -18.67
N ALA A 214 -35.49 -11.63 -18.44
CA ALA A 214 -36.19 -12.56 -19.34
C ALA A 214 -37.65 -12.16 -19.57
N LYS A 215 -38.38 -11.84 -18.47
CA LYS A 215 -39.79 -11.44 -18.54
C LYS A 215 -39.97 -10.11 -19.30
N HIS A 216 -39.01 -9.18 -19.15
CA HIS A 216 -38.98 -7.89 -19.84
C HIS A 216 -38.72 -8.07 -21.33
N LEU A 217 -37.97 -9.13 -21.72
CA LEU A 217 -37.70 -9.43 -23.13
C LEU A 217 -38.84 -10.24 -23.78
N GLY A 218 -39.86 -10.58 -23.00
CA GLY A 218 -41.04 -11.31 -23.45
C GLY A 218 -41.11 -12.78 -23.11
N PHE A 219 -40.04 -13.34 -22.51
CA PHE A 219 -39.97 -14.75 -22.13
C PHE A 219 -40.85 -15.08 -20.91
N GLN A 220 -41.63 -16.18 -20.98
CA GLN A 220 -42.53 -16.59 -19.89
C GLN A 220 -42.02 -17.80 -19.04
N SER A 221 -40.84 -18.34 -19.40
CA SER A 221 -40.19 -19.47 -18.69
C SER A 221 -38.68 -19.41 -18.90
N ALA A 222 -37.91 -20.12 -18.04
CA ALA A 222 -36.44 -20.18 -18.15
C ALA A 222 -35.99 -20.89 -19.46
N VAL A 223 -36.64 -22.02 -19.83
CA VAL A 223 -36.34 -22.78 -21.06
C VAL A 223 -36.53 -21.89 -22.29
N GLU A 224 -37.64 -21.11 -22.34
CA GLU A 224 -37.96 -20.17 -23.42
C GLU A 224 -36.86 -19.11 -23.52
N ALA A 225 -36.45 -18.55 -22.36
CA ALA A 225 -35.40 -17.54 -22.23
C ALA A 225 -34.03 -18.04 -22.69
N LEU A 226 -33.69 -19.30 -22.37
CA LEU A 226 -32.42 -19.91 -22.75
C LEU A 226 -32.31 -20.15 -24.26
N ARG A 227 -33.37 -20.69 -24.90
CA ARG A 227 -33.44 -20.96 -26.33
C ARG A 227 -33.47 -19.63 -27.12
N GLY A 228 -34.12 -18.61 -26.56
CA GLY A 228 -34.22 -17.28 -27.19
C GLY A 228 -33.00 -16.40 -27.05
N LEU A 229 -32.16 -16.63 -26.03
CA LEU A 229 -30.96 -15.82 -25.78
C LEU A 229 -29.62 -16.55 -26.00
N TYR A 230 -29.63 -17.88 -26.23
CA TYR A 230 -28.38 -18.63 -26.42
C TYR A 230 -27.50 -18.10 -27.57
N SER A 231 -28.12 -17.71 -28.71
CA SER A 231 -27.37 -17.15 -29.85
C SER A 231 -26.52 -15.91 -29.48
N ARG A 232 -26.85 -15.23 -28.34
CA ARG A 232 -26.13 -14.04 -27.87
C ARG A 232 -24.82 -14.37 -27.12
N VAL A 233 -24.73 -15.55 -26.46
CA VAL A 233 -23.53 -15.91 -25.65
C VAL A 233 -22.32 -16.30 -26.52
N LYS A 234 -21.12 -16.22 -25.93
CA LYS A 234 -19.85 -16.59 -26.55
C LYS A 234 -19.83 -18.10 -26.93
N LYS A 235 -19.05 -18.47 -27.97
CA LYS A 235 -18.90 -19.87 -28.39
C LYS A 235 -18.29 -20.66 -27.24
N GLY A 236 -18.98 -21.73 -26.84
CA GLY A 236 -18.57 -22.60 -25.74
C GLY A 236 -19.11 -22.20 -24.38
N ALA A 237 -19.85 -21.07 -24.30
CA ALA A 237 -20.39 -20.56 -23.05
C ALA A 237 -21.69 -21.26 -22.62
N THR A 238 -22.05 -21.11 -21.35
CA THR A 238 -23.27 -21.65 -20.77
C THR A 238 -24.13 -20.49 -20.25
N LEU A 239 -25.41 -20.45 -20.65
CA LEU A 239 -26.38 -19.46 -20.21
C LEU A 239 -27.19 -20.07 -19.07
N VAL A 240 -27.33 -19.32 -17.97
CA VAL A 240 -28.00 -19.76 -16.74
C VAL A 240 -29.14 -18.81 -16.39
N CYS A 241 -30.32 -19.37 -16.09
CA CYS A 241 -31.49 -18.57 -15.74
C CYS A 241 -32.29 -19.18 -14.58
N ALA A 242 -32.19 -18.56 -13.39
CA ALA A 242 -32.95 -18.97 -12.22
C ALA A 242 -34.34 -18.35 -12.35
N TRP A 243 -35.39 -19.15 -12.12
CA TRP A 243 -36.78 -18.70 -12.25
C TRP A 243 -37.56 -18.86 -10.91
N ALA A 244 -36.94 -18.40 -9.81
CA ALA A 244 -37.50 -18.40 -8.45
C ALA A 244 -38.01 -19.79 -7.99
N GLU A 245 -39.31 -19.91 -7.63
CA GLU A 245 -39.94 -21.15 -7.17
C GLU A 245 -40.04 -22.25 -8.29
N GLU A 246 -39.79 -21.87 -9.56
CA GLU A 246 -39.79 -22.82 -10.68
C GLU A 246 -38.42 -23.51 -10.82
N GLY A 247 -37.47 -23.09 -9.99
CA GLY A 247 -36.11 -23.63 -10.00
C GLY A 247 -35.12 -22.81 -10.80
N ALA A 248 -34.16 -23.50 -11.44
CA ALA A 248 -33.13 -22.87 -12.27
C ALA A 248 -32.75 -23.76 -13.41
N ASP A 249 -32.49 -23.14 -14.57
CA ASP A 249 -32.16 -23.86 -15.79
C ASP A 249 -30.85 -23.39 -16.40
N ALA A 250 -30.25 -24.20 -17.27
CA ALA A 250 -29.01 -23.88 -17.95
C ALA A 250 -28.96 -24.51 -19.34
N LEU A 251 -28.19 -23.90 -20.25
CA LEU A 251 -27.97 -24.37 -21.62
C LEU A 251 -26.53 -24.07 -22.01
N GLY A 252 -25.77 -25.14 -22.25
CA GLY A 252 -24.37 -25.09 -22.64
C GLY A 252 -24.12 -25.37 -24.11
N PRO A 253 -22.82 -25.50 -24.51
CA PRO A 253 -22.49 -25.71 -25.94
C PRO A 253 -22.97 -27.04 -26.56
N ASP A 254 -23.26 -28.06 -25.74
CA ASP A 254 -23.76 -29.36 -26.22
C ASP A 254 -25.24 -29.34 -26.64
N GLY A 255 -25.90 -28.19 -26.46
CA GLY A 255 -27.31 -27.97 -26.79
C GLY A 255 -28.30 -28.67 -25.89
N GLN A 256 -27.83 -29.20 -24.74
CA GLN A 256 -28.69 -29.91 -23.79
C GLN A 256 -29.22 -28.98 -22.70
N LEU A 257 -30.55 -29.02 -22.49
CA LEU A 257 -31.21 -28.22 -21.46
C LEU A 257 -31.07 -28.92 -20.12
N LEU A 258 -30.54 -28.20 -19.12
CA LEU A 258 -30.33 -28.72 -17.77
C LEU A 258 -31.27 -27.99 -16.85
N HIS A 259 -31.77 -28.68 -15.81
CA HIS A 259 -32.72 -28.09 -14.88
C HIS A 259 -32.59 -28.69 -13.50
N SER A 260 -32.83 -27.85 -12.50
CA SER A 260 -32.91 -28.23 -11.11
C SER A 260 -34.19 -27.61 -10.57
N ASP A 261 -34.99 -28.40 -9.85
CA ASP A 261 -36.19 -27.87 -9.20
C ASP A 261 -35.72 -26.96 -8.06
N ALA A 262 -36.57 -26.02 -7.64
CA ALA A 262 -36.24 -25.17 -6.50
C ALA A 262 -36.32 -26.02 -5.23
N PHE A 263 -35.65 -25.59 -4.16
CA PHE A 263 -35.68 -26.27 -2.87
C PHE A 263 -36.25 -25.25 -1.86
N PRO A 264 -37.56 -24.89 -1.94
CA PRO A 264 -38.10 -23.88 -1.02
C PRO A 264 -37.99 -24.29 0.43
N PRO A 265 -37.76 -23.31 1.32
CA PRO A 265 -37.65 -23.65 2.76
C PRO A 265 -39.02 -23.97 3.37
N PRO A 266 -39.12 -24.51 4.62
CA PRO A 266 -40.45 -24.73 5.22
C PRO A 266 -41.29 -23.45 5.27
N ARG A 267 -40.63 -22.31 5.58
CA ARG A 267 -41.23 -20.97 5.65
C ARG A 267 -40.32 -20.00 4.90
N VAL A 268 -40.86 -19.35 3.85
CA VAL A 268 -40.13 -18.35 3.05
C VAL A 268 -40.18 -17.04 3.86
N VAL A 269 -39.05 -16.66 4.49
CA VAL A 269 -39.01 -15.47 5.36
C VAL A 269 -38.21 -14.30 4.76
N ASP A 270 -37.16 -14.59 3.96
CA ASP A 270 -36.32 -13.54 3.38
C ASP A 270 -35.76 -13.93 2.02
N THR A 271 -36.26 -13.32 0.92
CA THR A 271 -35.73 -13.60 -0.43
C THR A 271 -34.70 -12.54 -0.86
N LEU A 272 -34.37 -11.59 0.03
CA LEU A 272 -33.39 -10.53 -0.26
C LEU A 272 -31.99 -11.16 -0.32
N GLY A 273 -31.38 -11.12 -1.49
CA GLY A 273 -30.06 -11.71 -1.74
C GLY A 273 -30.11 -13.15 -2.27
N ALA A 274 -31.32 -13.71 -2.50
CA ALA A 274 -31.52 -15.07 -3.02
C ALA A 274 -30.83 -15.30 -4.39
N GLY A 275 -30.98 -14.35 -5.32
CA GLY A 275 -30.36 -14.41 -6.64
C GLY A 275 -28.83 -14.44 -6.54
N ASP A 276 -28.28 -13.60 -5.65
CA ASP A 276 -26.82 -13.55 -5.40
C ASP A 276 -26.36 -14.83 -4.72
N THR A 277 -27.20 -15.43 -3.87
CA THR A 277 -26.87 -16.73 -3.24
C THR A 277 -26.79 -17.81 -4.32
N PHE A 278 -27.73 -17.81 -5.25
CA PHE A 278 -27.72 -18.74 -6.38
C PHE A 278 -26.44 -18.56 -7.21
N ASN A 279 -26.15 -17.32 -7.65
CA ASN A 279 -24.99 -16.99 -8.49
C ASN A 279 -23.68 -17.40 -7.88
N ALA A 280 -23.43 -17.01 -6.61
CA ALA A 280 -22.20 -17.28 -5.88
C ALA A 280 -22.00 -18.78 -5.72
N SER A 281 -23.07 -19.55 -5.36
CA SER A 281 -23.08 -21.02 -5.19
C SER A 281 -22.76 -21.75 -6.50
N VAL A 282 -23.26 -21.25 -7.65
CA VAL A 282 -22.99 -21.82 -8.99
C VAL A 282 -21.48 -21.59 -9.31
N ILE A 283 -20.96 -20.37 -9.10
CA ILE A 283 -19.56 -20.00 -9.31
C ILE A 283 -18.68 -20.92 -8.44
N PHE A 284 -18.99 -21.03 -7.14
CA PHE A 284 -18.27 -21.84 -6.16
C PHE A 284 -18.16 -23.28 -6.64
N SER A 285 -19.31 -23.87 -6.98
CA SER A 285 -19.43 -25.25 -7.45
C SER A 285 -18.61 -25.44 -8.73
N LEU A 286 -18.76 -24.57 -9.74
CA LEU A 286 -18.03 -24.64 -11.01
C LEU A 286 -16.51 -24.47 -10.87
N SER A 287 -16.05 -23.56 -9.98
CA SER A 287 -14.63 -23.31 -9.72
C SER A 287 -13.95 -24.52 -9.04
N LYS A 288 -14.75 -25.37 -8.34
CA LYS A 288 -14.30 -26.59 -7.66
C LYS A 288 -14.28 -27.81 -8.61
N GLY A 289 -14.68 -27.59 -9.86
CA GLY A 289 -14.68 -28.66 -10.88
C GLY A 289 -15.95 -29.47 -10.99
N ASN A 290 -17.06 -29.00 -10.39
CA ASN A 290 -18.34 -29.70 -10.49
C ASN A 290 -18.97 -29.43 -11.87
N SER A 291 -19.85 -30.35 -12.33
CA SER A 291 -20.55 -30.21 -13.61
C SER A 291 -21.61 -29.10 -13.50
N MET A 292 -22.19 -28.69 -14.64
CA MET A 292 -23.25 -27.67 -14.67
C MET A 292 -24.51 -28.15 -13.95
N GLN A 293 -24.87 -29.45 -14.12
CA GLN A 293 -26.03 -30.08 -13.49
C GLN A 293 -25.89 -30.07 -11.95
N GLU A 294 -24.68 -30.41 -11.44
CA GLU A 294 -24.34 -30.38 -10.00
C GLU A 294 -24.35 -28.92 -9.47
N ALA A 295 -23.83 -27.95 -10.26
CA ALA A 295 -23.80 -26.52 -9.90
C ALA A 295 -25.21 -25.92 -9.81
N LEU A 296 -26.11 -26.32 -10.76
CA LEU A 296 -27.51 -25.89 -10.81
C LEU A 296 -28.25 -26.36 -9.56
N ARG A 297 -28.08 -27.65 -9.19
CA ARG A 297 -28.70 -28.26 -8.00
C ARG A 297 -28.22 -27.55 -6.73
N PHE A 298 -26.88 -27.41 -6.58
CA PHE A 298 -26.24 -26.76 -5.43
C PHE A 298 -26.71 -25.31 -5.26
N GLY A 299 -26.79 -24.58 -6.37
CA GLY A 299 -27.29 -23.21 -6.41
C GLY A 299 -28.70 -23.08 -5.86
N CYS A 300 -29.60 -24.01 -6.25
CA CYS A 300 -30.99 -24.05 -5.77
C CYS A 300 -31.07 -24.46 -4.29
N GLN A 301 -30.20 -25.39 -3.85
CA GLN A 301 -30.15 -25.86 -2.47
C GLN A 301 -29.72 -24.76 -1.50
N VAL A 302 -28.63 -24.04 -1.83
CA VAL A 302 -28.09 -22.96 -0.99
C VAL A 302 -29.03 -21.73 -0.99
N ALA A 303 -29.48 -21.27 -2.17
CA ALA A 303 -30.40 -20.12 -2.25
C ALA A 303 -31.75 -20.45 -1.61
N GLY A 304 -32.21 -21.70 -1.77
CA GLY A 304 -33.44 -22.21 -1.15
C GLY A 304 -33.38 -22.19 0.37
N LYS A 305 -32.23 -22.59 0.95
CA LYS A 305 -31.98 -22.59 2.40
C LYS A 305 -31.91 -21.15 2.89
N LYS A 306 -31.19 -20.29 2.14
CA LYS A 306 -31.03 -18.88 2.44
C LYS A 306 -32.40 -18.18 2.61
N CYS A 307 -33.38 -18.52 1.75
CA CYS A 307 -34.74 -17.96 1.77
C CYS A 307 -35.53 -18.23 3.08
N GLY A 308 -35.15 -19.28 3.82
CA GLY A 308 -35.77 -19.61 5.10
C GLY A 308 -35.05 -19.01 6.30
N LEU A 309 -34.07 -18.12 6.04
CA LEU A 309 -33.23 -17.48 7.06
C LEU A 309 -33.18 -15.97 6.86
N GLN A 310 -33.11 -15.18 7.95
CA GLN A 310 -32.92 -13.74 7.80
C GLN A 310 -31.41 -13.56 7.58
N GLY A 311 -31.05 -12.85 6.52
CA GLY A 311 -29.65 -12.67 6.17
C GLY A 311 -29.04 -13.89 5.50
N PHE A 312 -27.70 -13.94 5.52
CA PHE A 312 -26.93 -15.01 4.88
C PHE A 312 -26.30 -16.04 5.83
N ASP A 313 -25.91 -15.62 7.03
CA ASP A 313 -25.16 -16.36 8.04
C ASP A 313 -25.59 -17.83 8.33
N GLY A 314 -26.87 -18.15 8.24
CA GLY A 314 -27.35 -19.49 8.53
C GLY A 314 -27.20 -20.56 7.45
N ILE A 315 -26.68 -20.21 6.25
CA ILE A 315 -26.51 -21.16 5.13
C ILE A 315 -25.50 -22.27 5.44
N VAL A 316 -24.51 -22.00 6.32
CA VAL A 316 -23.48 -22.95 6.74
C VAL A 316 -23.44 -23.11 8.26
N GLU B 21 7.43 21.27 9.70
CA GLU B 21 6.77 21.10 8.41
C GLU B 21 6.85 19.63 7.91
N LYS B 22 6.09 19.31 6.83
CA LYS B 22 6.02 17.97 6.28
C LYS B 22 7.27 17.55 5.51
N GLN B 23 7.58 16.27 5.56
CA GLN B 23 8.77 15.72 4.92
C GLN B 23 8.47 15.07 3.58
N ILE B 24 9.53 14.71 2.84
CA ILE B 24 9.47 13.98 1.58
C ILE B 24 10.07 12.61 1.90
N LEU B 25 9.27 11.54 1.74
CA LEU B 25 9.71 10.18 1.98
C LEU B 25 10.14 9.50 0.68
N CYS B 26 11.34 8.89 0.69
CA CYS B 26 11.87 8.10 -0.42
C CYS B 26 12.00 6.67 0.09
N VAL B 27 11.25 5.75 -0.53
CA VAL B 27 11.20 4.32 -0.19
C VAL B 27 12.01 3.59 -1.25
N GLY B 28 13.00 2.81 -0.80
CA GLY B 28 13.82 2.03 -1.71
C GLY B 28 15.07 1.44 -1.14
N LEU B 29 16.11 1.43 -1.97
CA LEU B 29 17.39 0.82 -1.66
C LEU B 29 18.47 1.77 -1.14
N VAL B 30 19.23 1.28 -0.11
CA VAL B 30 20.43 1.90 0.45
C VAL B 30 21.58 0.88 0.30
N VAL B 31 22.67 1.31 -0.35
CA VAL B 31 23.79 0.39 -0.57
C VAL B 31 25.11 1.10 -0.26
N LEU B 32 26.15 0.32 0.08
CA LEU B 32 27.46 0.87 0.25
C LEU B 32 28.10 0.83 -1.12
N ASP B 33 28.33 1.99 -1.74
CA ASP B 33 29.00 2.07 -3.02
C ASP B 33 30.50 2.22 -2.79
N ILE B 34 31.30 1.24 -3.22
CA ILE B 34 32.76 1.37 -3.14
C ILE B 34 33.21 1.83 -4.53
N ILE B 35 33.61 3.11 -4.62
CA ILE B 35 33.89 3.81 -5.86
C ILE B 35 35.36 3.97 -6.13
N ASN B 36 35.81 3.47 -7.28
CA ASN B 36 37.18 3.64 -7.71
C ASN B 36 37.15 4.51 -8.94
N VAL B 37 37.86 5.66 -8.88
CA VAL B 37 38.00 6.59 -9.99
C VAL B 37 39.28 6.18 -10.71
N VAL B 38 39.19 6.01 -12.04
CA VAL B 38 40.31 5.62 -12.90
C VAL B 38 40.44 6.63 -14.05
N ASP B 39 41.61 6.66 -14.70
CA ASP B 39 41.89 7.56 -15.83
C ASP B 39 41.52 6.88 -17.15
N LYS B 40 41.25 5.56 -17.09
CA LYS B 40 40.85 4.73 -18.24
C LYS B 40 40.17 3.45 -17.78
N TYR B 41 39.23 2.95 -18.59
CA TYR B 41 38.51 1.73 -18.26
C TYR B 41 39.44 0.53 -18.30
N PRO B 42 39.53 -0.27 -17.21
CA PRO B 42 40.47 -1.39 -17.22
C PRO B 42 40.12 -2.53 -18.20
N GLU B 43 41.15 -3.02 -18.87
CA GLU B 43 41.08 -4.16 -19.77
C GLU B 43 41.05 -5.40 -18.86
N GLU B 44 40.31 -6.44 -19.26
CA GLU B 44 40.19 -7.69 -18.50
C GLU B 44 41.58 -8.29 -18.20
N ASP B 45 41.79 -8.72 -16.94
CA ASP B 45 42.99 -9.35 -16.40
C ASP B 45 44.21 -8.41 -16.19
N THR B 46 43.96 -7.11 -16.09
CA THR B 46 45.02 -6.13 -15.82
C THR B 46 44.89 -5.62 -14.38
N ASP B 47 45.95 -4.98 -13.89
CA ASP B 47 46.01 -4.40 -12.56
C ASP B 47 46.29 -2.92 -12.68
N ARG B 48 45.59 -2.13 -11.87
CA ARG B 48 45.77 -0.69 -11.86
C ARG B 48 45.57 -0.16 -10.46
N ARG B 49 46.19 0.98 -10.19
CA ARG B 49 45.97 1.74 -8.98
C ARG B 49 44.90 2.74 -9.39
N CYS B 50 43.95 3.00 -8.49
CA CYS B 50 42.90 3.98 -8.74
C CYS B 50 43.51 5.38 -8.61
N LEU B 51 42.83 6.39 -9.17
CA LEU B 51 43.25 7.79 -9.01
C LEU B 51 42.80 8.18 -7.59
N SER B 52 41.61 7.68 -7.19
CA SER B 52 41.01 7.85 -5.85
C SER B 52 40.00 6.73 -5.56
N GLN B 53 39.73 6.51 -4.29
CA GLN B 53 38.73 5.55 -3.84
C GLN B 53 37.87 6.16 -2.72
N ARG B 54 36.54 5.99 -2.81
CA ARG B 54 35.63 6.47 -1.79
C ARG B 54 34.52 5.48 -1.48
N TRP B 55 34.10 5.46 -0.22
CA TRP B 55 33.01 4.62 0.25
C TRP B 55 31.84 5.56 0.40
N GLN B 56 30.97 5.56 -0.62
CA GLN B 56 29.80 6.44 -0.73
C GLN B 56 28.51 5.70 -0.41
N ARG B 57 27.60 6.37 0.32
CA ARG B 57 26.26 5.83 0.58
C ARG B 57 25.54 5.94 -0.78
N GLY B 58 25.08 4.81 -1.29
CA GLY B 58 24.39 4.67 -2.56
C GLY B 58 22.97 4.16 -2.47
N GLY B 59 22.49 3.60 -3.58
CA GLY B 59 21.12 3.13 -3.76
C GLY B 59 20.32 4.28 -4.37
N ASN B 60 19.41 3.99 -5.30
CA ASN B 60 18.64 5.05 -5.98
C ASN B 60 17.78 5.98 -5.10
N ALA B 61 16.93 5.43 -4.19
CA ALA B 61 16.09 6.22 -3.27
C ALA B 61 16.96 6.97 -2.26
N SER B 62 18.05 6.28 -1.82
CA SER B 62 19.05 6.78 -0.88
C SER B 62 19.78 7.99 -1.48
N ASN B 63 20.19 7.92 -2.76
CA ASN B 63 20.84 9.03 -3.47
C ASN B 63 19.88 10.19 -3.67
N SER B 64 18.57 9.91 -3.82
CA SER B 64 17.57 10.94 -3.98
C SER B 64 17.41 11.72 -2.69
N CYS B 65 17.55 11.04 -1.53
CA CYS B 65 17.54 11.64 -0.21
C CYS B 65 18.72 12.63 -0.03
N THR B 66 19.95 12.23 -0.48
CA THR B 66 21.19 13.05 -0.47
C THR B 66 20.95 14.39 -1.20
N VAL B 67 20.46 14.30 -2.46
CA VAL B 67 20.17 15.46 -3.32
C VAL B 67 19.07 16.34 -2.72
N LEU B 68 17.97 15.74 -2.22
CA LEU B 68 16.89 16.49 -1.58
C LEU B 68 17.37 17.24 -0.35
N SER B 69 18.25 16.63 0.46
CA SER B 69 18.79 17.30 1.65
C SER B 69 19.70 18.46 1.26
N LEU B 70 20.58 18.27 0.23
CA LEU B 70 21.47 19.32 -0.27
C LEU B 70 20.67 20.51 -0.82
N LEU B 71 19.49 20.25 -1.41
CA LEU B 71 18.62 21.31 -1.97
C LEU B 71 17.83 22.08 -0.88
N GLY B 72 17.78 21.56 0.33
CA GLY B 72 17.10 22.21 1.45
C GLY B 72 15.78 21.59 1.87
N ALA B 73 15.44 20.44 1.28
CA ALA B 73 14.20 19.75 1.63
C ALA B 73 14.39 18.84 2.84
N ARG B 74 13.39 18.80 3.72
CA ARG B 74 13.36 17.91 4.87
C ARG B 74 12.90 16.59 4.29
N CYS B 75 13.80 15.62 4.27
CA CYS B 75 13.48 14.32 3.73
C CYS B 75 13.81 13.20 4.70
N ALA B 76 13.15 12.06 4.49
CA ALA B 76 13.24 10.83 5.25
C ALA B 76 13.56 9.68 4.30
N PHE B 77 14.18 8.63 4.81
CA PHE B 77 14.45 7.42 4.03
C PHE B 77 13.79 6.21 4.64
N MET B 78 13.18 5.36 3.78
CA MET B 78 12.62 4.09 4.21
C MET B 78 13.22 2.99 3.36
N GLY B 79 14.00 2.15 4.01
CA GLY B 79 14.67 1.02 3.36
C GLY B 79 15.22 0.07 4.39
N SER B 80 15.68 -1.09 3.94
CA SER B 80 16.23 -2.11 4.80
C SER B 80 17.74 -1.95 5.05
N LEU B 81 18.16 -2.33 6.25
CA LEU B 81 19.55 -2.38 6.67
C LEU B 81 19.72 -3.56 7.59
N ALA B 82 20.87 -4.23 7.52
CA ALA B 82 21.21 -5.33 8.44
C ALA B 82 22.22 -4.76 9.42
N PRO B 83 22.18 -5.11 10.73
CA PRO B 83 23.18 -4.58 11.67
C PRO B 83 24.60 -4.98 11.29
N GLY B 84 25.52 -4.05 11.46
CA GLY B 84 26.94 -4.21 11.16
C GLY B 84 27.62 -2.86 11.05
N HIS B 85 28.94 -2.87 10.80
CA HIS B 85 29.74 -1.65 10.64
C HIS B 85 29.36 -0.88 9.40
N VAL B 86 28.90 -1.57 8.35
CA VAL B 86 28.47 -0.96 7.09
C VAL B 86 27.20 -0.13 7.31
N ALA B 87 26.16 -0.72 7.94
CA ALA B 87 24.90 -0.03 8.26
C ALA B 87 25.14 1.20 9.18
N ASP B 88 26.04 1.08 10.18
CA ASP B 88 26.41 2.17 11.10
C ASP B 88 26.94 3.38 10.34
N PHE B 89 27.84 3.12 9.35
CA PHE B 89 28.43 4.13 8.46
C PHE B 89 27.35 4.78 7.59
N LEU B 90 26.46 3.96 7.00
CA LEU B 90 25.38 4.46 6.13
C LEU B 90 24.40 5.34 6.90
N VAL B 91 24.01 4.90 8.12
CA VAL B 91 23.12 5.64 9.03
C VAL B 91 23.81 6.93 9.48
N ALA B 92 25.12 6.87 9.84
CA ALA B 92 25.90 8.05 10.25
C ALA B 92 26.01 9.06 9.11
N ASP B 93 26.07 8.60 7.86
CA ASP B 93 26.11 9.46 6.69
C ASP B 93 24.76 10.15 6.48
N PHE B 94 23.65 9.38 6.55
CA PHE B 94 22.30 9.90 6.42
C PHE B 94 22.04 11.01 7.45
N ARG B 95 22.43 10.75 8.72
CA ARG B 95 22.27 11.64 9.85
C ARG B 95 23.04 12.96 9.67
N GLN B 96 24.30 12.85 9.16
CA GLN B 96 25.18 13.98 8.92
C GLN B 96 24.57 14.89 7.85
N ARG B 97 23.83 14.29 6.91
CA ARG B 97 23.15 14.99 5.82
C ARG B 97 21.74 15.48 6.22
N GLY B 98 21.30 15.17 7.43
CA GLY B 98 19.99 15.57 7.93
C GLY B 98 18.81 14.83 7.33
N VAL B 99 19.06 13.56 6.91
CA VAL B 99 18.02 12.70 6.36
C VAL B 99 17.50 11.91 7.56
N ASP B 100 16.18 11.94 7.78
CA ASP B 100 15.48 11.23 8.85
C ASP B 100 15.57 9.71 8.55
N VAL B 101 16.02 8.92 9.54
CA VAL B 101 16.18 7.46 9.36
C VAL B 101 15.24 6.62 10.26
N SER B 102 14.20 7.25 10.83
CA SER B 102 13.24 6.60 11.72
C SER B 102 12.40 5.50 11.06
N GLN B 103 12.25 5.53 9.72
CA GLN B 103 11.46 4.55 8.96
C GLN B 103 12.31 3.40 8.41
N VAL B 104 13.62 3.34 8.75
CA VAL B 104 14.51 2.26 8.32
C VAL B 104 14.01 0.93 8.90
N THR B 105 13.91 -0.11 8.04
CA THR B 105 13.50 -1.45 8.48
C THR B 105 14.74 -2.25 8.77
N TRP B 106 15.05 -2.40 10.06
CA TRP B 106 16.19 -3.16 10.53
C TRP B 106 15.91 -4.65 10.39
N GLN B 107 16.77 -5.36 9.65
CA GLN B 107 16.62 -6.81 9.40
C GLN B 107 17.58 -7.59 10.29
N SER B 108 17.07 -8.55 11.08
CA SER B 108 17.86 -9.44 11.96
C SER B 108 18.75 -10.39 11.17
N GLN B 109 18.33 -10.73 9.94
CA GLN B 109 19.04 -11.65 9.05
C GLN B 109 19.36 -10.99 7.72
N GLY B 110 20.50 -11.32 7.16
CA GLY B 110 20.90 -10.82 5.86
C GLY B 110 22.10 -9.90 5.85
N ASP B 111 22.40 -9.37 4.65
CA ASP B 111 23.54 -8.51 4.38
C ASP B 111 23.15 -7.23 3.73
N THR B 112 23.72 -6.12 4.22
CA THR B 112 23.53 -4.78 3.69
C THR B 112 24.11 -4.77 2.25
N PRO B 113 23.34 -4.27 1.24
CA PRO B 113 23.84 -4.30 -0.14
C PRO B 113 25.15 -3.52 -0.33
N CYS B 114 26.01 -4.03 -1.21
CA CYS B 114 27.30 -3.41 -1.51
C CYS B 114 27.60 -3.52 -2.98
N SER B 115 28.02 -2.42 -3.58
CA SER B 115 28.39 -2.40 -4.97
C SER B 115 29.82 -1.93 -5.14
N CYS B 116 30.47 -2.39 -6.18
CA CYS B 116 31.80 -1.93 -6.52
C CYS B 116 31.63 -1.19 -7.84
N CYS B 117 32.01 0.09 -7.86
CA CYS B 117 31.81 0.94 -9.00
C CYS B 117 33.12 1.41 -9.57
N ILE B 118 33.18 1.47 -10.88
CA ILE B 118 34.36 1.96 -11.59
C ILE B 118 33.91 3.25 -12.29
N VAL B 119 34.46 4.38 -11.85
CA VAL B 119 34.16 5.70 -12.41
C VAL B 119 35.35 6.11 -13.28
N ASN B 120 35.11 6.29 -14.59
CA ASN B 120 36.17 6.69 -15.50
C ASN B 120 36.17 8.23 -15.62
N ASN B 121 37.20 8.87 -15.02
CA ASN B 121 37.43 10.31 -14.95
C ASN B 121 37.46 10.99 -16.34
N SER B 122 37.91 10.24 -17.37
CA SER B 122 38.10 10.71 -18.74
C SER B 122 36.82 10.92 -19.54
N ASN B 123 35.70 10.28 -19.14
CA ASN B 123 34.41 10.39 -19.86
C ASN B 123 33.19 10.38 -18.94
N GLY B 124 33.41 10.21 -17.64
CA GLY B 124 32.34 10.18 -16.64
C GLY B 124 31.56 8.87 -16.54
N SER B 125 31.95 7.83 -17.31
CA SER B 125 31.28 6.53 -17.30
C SER B 125 31.33 5.88 -15.91
N ARG B 126 30.28 5.13 -15.57
CA ARG B 126 30.18 4.35 -14.33
C ARG B 126 29.79 2.93 -14.64
N THR B 127 30.58 1.99 -14.16
CA THR B 127 30.38 0.55 -14.33
C THR B 127 30.15 0.00 -12.92
N ILE B 128 28.96 -0.56 -12.70
CA ILE B 128 28.52 -1.06 -11.39
C ILE B 128 28.34 -2.58 -11.34
N ILE B 129 28.89 -3.22 -10.30
CA ILE B 129 28.69 -4.63 -9.99
C ILE B 129 28.06 -4.60 -8.60
N LEU B 130 26.79 -4.99 -8.52
CA LEU B 130 26.00 -4.92 -7.29
C LEU B 130 25.70 -6.27 -6.64
N TYR B 131 25.78 -6.30 -5.30
CA TYR B 131 25.40 -7.41 -4.44
C TYR B 131 24.25 -6.85 -3.59
N ASP B 132 23.00 -7.25 -3.89
CA ASP B 132 21.80 -6.74 -3.18
C ASP B 132 20.74 -7.85 -3.00
N THR B 133 21.15 -9.11 -3.21
CA THR B 133 20.28 -10.27 -3.21
C THR B 133 20.05 -10.94 -1.84
N ASN B 134 20.74 -10.50 -0.77
CA ASN B 134 20.57 -11.17 0.52
C ASN B 134 20.01 -10.26 1.64
N LEU B 135 18.94 -9.49 1.33
CA LEU B 135 18.31 -8.63 2.32
C LEU B 135 16.81 -8.48 2.08
N PRO B 136 15.96 -8.81 3.09
CA PRO B 136 14.51 -8.64 2.89
C PRO B 136 14.14 -7.20 2.60
N ASP B 137 13.21 -7.02 1.66
CA ASP B 137 12.73 -5.72 1.24
C ASP B 137 11.72 -5.18 2.23
N VAL B 138 11.42 -3.87 2.11
CA VAL B 138 10.41 -3.18 2.92
C VAL B 138 9.10 -3.81 2.48
N SER B 139 8.33 -4.31 3.45
CA SER B 139 7.05 -4.93 3.16
C SER B 139 5.91 -3.91 3.23
N ALA B 140 4.72 -4.27 2.73
CA ALA B 140 3.51 -3.47 2.79
C ALA B 140 3.11 -3.35 4.27
N LYS B 141 3.37 -4.42 5.05
CA LYS B 141 3.16 -4.48 6.50
C LYS B 141 4.04 -3.43 7.21
N ASP B 142 5.33 -3.29 6.80
CA ASP B 142 6.25 -2.26 7.33
C ASP B 142 5.75 -0.88 6.99
N PHE B 143 5.30 -0.68 5.74
CA PHE B 143 4.76 0.60 5.28
C PHE B 143 3.45 1.01 6.02
N GLU B 144 2.68 0.03 6.54
CA GLU B 144 1.43 0.28 7.26
C GLU B 144 1.64 1.13 8.53
N LYS B 145 2.89 1.15 9.06
CA LYS B 145 3.28 1.91 10.26
C LYS B 145 3.58 3.38 9.95
N VAL B 146 3.80 3.72 8.67
CA VAL B 146 4.08 5.09 8.20
C VAL B 146 2.85 5.98 8.43
N ASP B 147 3.06 7.10 9.11
CA ASP B 147 2.03 8.10 9.37
C ASP B 147 2.01 8.99 8.14
N LEU B 148 0.99 8.81 7.28
CA LEU B 148 0.91 9.52 5.99
C LEU B 148 0.68 11.02 6.14
N THR B 149 0.20 11.49 7.33
CA THR B 149 0.01 12.91 7.61
C THR B 149 1.33 13.67 7.79
N ARG B 150 2.44 12.95 8.04
CA ARG B 150 3.75 13.59 8.22
C ARG B 150 4.49 13.83 6.89
N PHE B 151 3.97 13.27 5.78
CA PHE B 151 4.62 13.39 4.46
C PHE B 151 3.74 14.10 3.43
N LYS B 152 4.33 15.06 2.72
CA LYS B 152 3.65 15.80 1.65
C LYS B 152 3.91 15.12 0.32
N TRP B 153 5.01 14.37 0.23
CA TRP B 153 5.42 13.68 -0.98
C TRP B 153 6.06 12.35 -0.61
N ILE B 154 5.66 11.28 -1.33
CA ILE B 154 6.20 9.93 -1.19
C ILE B 154 6.70 9.43 -2.55
N HIS B 155 8.00 9.17 -2.65
CA HIS B 155 8.65 8.64 -3.84
C HIS B 155 9.00 7.19 -3.63
N ILE B 156 8.59 6.35 -4.58
CA ILE B 156 8.85 4.94 -4.48
C ILE B 156 9.77 4.47 -5.62
N GLU B 157 10.92 3.94 -5.23
CA GLU B 157 11.90 3.36 -6.13
C GLU B 157 11.41 1.93 -6.40
N GLY B 158 10.99 1.68 -7.64
CA GLY B 158 10.47 0.39 -8.06
C GLY B 158 11.43 -0.75 -7.80
N ARG B 159 11.00 -1.72 -6.98
CA ARG B 159 11.80 -2.88 -6.61
C ARG B 159 10.94 -4.16 -6.48
N ASN B 160 10.28 -4.36 -5.33
CA ASN B 160 9.38 -5.46 -5.04
C ASN B 160 7.98 -4.93 -5.30
N ALA B 161 7.65 -4.83 -6.62
CA ALA B 161 6.42 -4.26 -7.17
C ALA B 161 5.14 -4.72 -6.51
N SER B 162 4.95 -6.04 -6.30
CA SER B 162 3.73 -6.56 -5.69
C SER B 162 3.47 -6.01 -4.29
N GLU B 163 4.51 -5.87 -3.45
CA GLU B 163 4.38 -5.27 -2.12
C GLU B 163 4.21 -3.75 -2.21
N GLN B 164 4.98 -3.10 -3.12
CA GLN B 164 4.92 -1.65 -3.33
C GLN B 164 3.56 -1.20 -3.85
N VAL B 165 2.85 -2.06 -4.62
CA VAL B 165 1.51 -1.80 -5.14
C VAL B 165 0.53 -1.64 -3.95
N LYS B 166 0.68 -2.48 -2.92
CA LYS B 166 -0.14 -2.41 -1.70
C LYS B 166 0.12 -1.10 -0.94
N MET B 167 1.39 -0.62 -0.90
CA MET B 167 1.77 0.64 -0.27
C MET B 167 1.06 1.78 -1.02
N LEU B 168 1.09 1.71 -2.38
CA LEU B 168 0.49 2.70 -3.26
C LEU B 168 -1.03 2.77 -3.11
N GLN B 169 -1.66 1.60 -2.88
CA GLN B 169 -3.10 1.46 -2.63
C GLN B 169 -3.45 2.08 -1.29
N ARG B 170 -2.57 1.92 -0.28
CA ARG B 170 -2.77 2.51 1.06
C ARG B 170 -2.81 4.04 0.98
N ILE B 171 -1.88 4.65 0.21
CA ILE B 171 -1.81 6.10 -0.01
C ILE B 171 -3.07 6.61 -0.71
N GLU B 172 -3.57 5.86 -1.73
CA GLU B 172 -4.76 6.18 -2.51
C GLU B 172 -5.98 6.23 -1.63
N GLU B 173 -6.14 5.23 -0.72
CA GLU B 173 -7.25 5.16 0.23
C GLU B 173 -7.21 6.40 1.15
N HIS B 174 -6.01 6.71 1.69
CA HIS B 174 -5.72 7.85 2.56
C HIS B 174 -6.09 9.19 1.89
N ASN B 175 -5.57 9.43 0.67
CA ASN B 175 -5.78 10.64 -0.13
C ASN B 175 -7.24 10.91 -0.52
N ALA B 176 -8.04 9.85 -0.74
CA ALA B 176 -9.46 9.97 -1.10
C ALA B 176 -10.30 10.60 0.01
N LYS B 177 -9.86 10.47 1.27
CA LYS B 177 -10.53 10.97 2.47
C LYS B 177 -9.98 12.35 2.87
N GLN B 178 -8.95 12.85 2.16
CA GLN B 178 -8.29 14.10 2.48
C GLN B 178 -8.67 15.27 1.57
N PRO B 179 -8.73 16.53 2.09
CA PRO B 179 -8.92 17.67 1.17
C PRO B 179 -7.65 17.83 0.32
N LEU B 180 -7.77 18.49 -0.85
CA LEU B 180 -6.67 18.70 -1.79
C LEU B 180 -5.29 19.06 -1.15
N PRO B 181 -5.13 20.06 -0.23
CA PRO B 181 -3.78 20.32 0.33
C PRO B 181 -3.26 19.26 1.29
N GLN B 182 -4.14 18.35 1.76
CA GLN B 182 -3.78 17.26 2.67
C GLN B 182 -3.53 15.93 1.94
N LYS B 183 -3.59 15.95 0.60
CA LYS B 183 -3.32 14.74 -0.19
C LYS B 183 -1.80 14.60 -0.33
N VAL B 184 -1.29 13.38 -0.17
CA VAL B 184 0.15 13.09 -0.28
C VAL B 184 0.48 12.94 -1.76
N ARG B 185 1.46 13.71 -2.26
CA ARG B 185 1.86 13.60 -3.66
C ARG B 185 2.73 12.35 -3.83
N VAL B 186 2.53 11.63 -4.92
CA VAL B 186 3.22 10.36 -5.13
C VAL B 186 3.97 10.30 -6.46
N SER B 187 5.19 9.81 -6.39
CA SER B 187 6.01 9.53 -7.57
C SER B 187 6.56 8.13 -7.47
N VAL B 188 6.81 7.52 -8.64
CA VAL B 188 7.37 6.18 -8.76
C VAL B 188 8.53 6.20 -9.78
N GLU B 189 9.51 5.34 -9.59
CA GLU B 189 10.57 5.22 -10.58
C GLU B 189 10.66 3.77 -11.08
N ILE B 190 10.75 3.64 -12.40
CA ILE B 190 10.91 2.38 -13.11
C ILE B 190 12.28 2.58 -13.78
N GLU B 191 13.34 2.20 -13.08
CA GLU B 191 14.72 2.37 -13.54
C GLU B 191 15.30 1.09 -14.17
N LYS B 192 14.96 -0.08 -13.64
CA LYS B 192 15.44 -1.37 -14.13
C LYS B 192 14.47 -2.06 -15.12
N PRO B 193 14.97 -2.63 -16.24
CA PRO B 193 14.06 -3.27 -17.21
C PRO B 193 13.55 -4.67 -16.82
N ARG B 194 12.93 -4.78 -15.63
CA ARG B 194 12.34 -6.01 -15.10
C ARG B 194 10.85 -5.93 -15.30
N GLU B 195 10.26 -7.01 -15.86
CA GLU B 195 8.84 -7.19 -16.17
C GLU B 195 7.90 -6.86 -15.00
N GLU B 196 8.23 -7.32 -13.77
CA GLU B 196 7.50 -7.10 -12.52
C GLU B 196 7.21 -5.59 -12.27
N LEU B 197 8.20 -4.70 -12.55
CA LEU B 197 8.12 -3.23 -12.39
C LEU B 197 7.12 -2.50 -13.28
N PHE B 198 6.62 -3.14 -14.34
CA PHE B 198 5.69 -2.51 -15.29
C PHE B 198 4.28 -2.26 -14.71
N GLN B 199 3.91 -2.97 -13.63
CA GLN B 199 2.63 -2.77 -12.93
C GLN B 199 2.61 -1.44 -12.15
N LEU B 200 3.80 -0.87 -11.86
CA LEU B 200 4.00 0.39 -11.12
C LEU B 200 3.70 1.64 -11.95
N PHE B 201 3.66 1.54 -13.30
CA PHE B 201 3.34 2.65 -14.21
C PHE B 201 1.96 3.27 -13.92
N SER B 202 1.00 2.43 -13.46
CA SER B 202 -0.40 2.76 -13.12
C SER B 202 -0.59 3.59 -11.83
N TYR B 203 0.49 3.82 -11.07
CA TYR B 203 0.42 4.54 -9.80
C TYR B 203 1.31 5.78 -9.79
N GLY B 204 0.92 6.77 -9.01
CA GLY B 204 1.64 8.02 -8.85
C GLY B 204 1.21 9.11 -9.81
N GLU B 205 1.38 10.38 -9.39
CA GLU B 205 1.09 11.56 -10.20
C GLU B 205 2.27 11.84 -11.16
N VAL B 206 3.47 11.37 -10.78
CA VAL B 206 4.70 11.54 -11.56
C VAL B 206 5.36 10.17 -11.66
N VAL B 207 5.65 9.74 -12.88
CA VAL B 207 6.28 8.44 -13.13
C VAL B 207 7.56 8.70 -13.91
N PHE B 208 8.69 8.27 -13.34
CA PHE B 208 10.00 8.39 -13.99
C PHE B 208 10.33 7.06 -14.66
N VAL B 209 10.63 7.13 -15.96
CA VAL B 209 11.03 5.95 -16.70
C VAL B 209 12.42 6.22 -17.26
N SER B 210 13.37 5.33 -16.97
CA SER B 210 14.75 5.51 -17.44
C SER B 210 14.90 5.21 -18.92
N LYS B 211 15.99 5.76 -19.51
CA LYS B 211 16.38 5.53 -20.89
C LYS B 211 16.60 4.02 -21.10
N ASP B 212 17.19 3.32 -20.10
CA ASP B 212 17.45 1.87 -20.06
C ASP B 212 16.16 1.06 -20.22
N VAL B 213 15.09 1.38 -19.43
CA VAL B 213 13.78 0.73 -19.52
C VAL B 213 13.18 0.96 -20.92
N ALA B 214 13.18 2.23 -21.38
CA ALA B 214 12.63 2.63 -22.69
C ALA B 214 13.33 1.91 -23.85
N LYS B 215 14.67 1.84 -23.83
CA LYS B 215 15.47 1.19 -24.87
C LYS B 215 15.20 -0.33 -24.92
N HIS B 216 14.98 -0.94 -23.74
CA HIS B 216 14.66 -2.36 -23.61
C HIS B 216 13.25 -2.67 -24.15
N LEU B 217 12.32 -1.68 -24.08
CA LEU B 217 10.97 -1.83 -24.62
C LEU B 217 10.89 -1.53 -26.12
N GLY B 218 12.03 -1.13 -26.70
CA GLY B 218 12.18 -0.85 -28.13
C GLY B 218 12.20 0.61 -28.53
N PHE B 219 12.05 1.53 -27.56
CA PHE B 219 12.04 2.98 -27.83
C PHE B 219 13.43 3.53 -28.08
N GLN B 220 13.58 4.34 -29.16
CA GLN B 220 14.86 4.93 -29.56
C GLN B 220 15.04 6.42 -29.17
N SER B 221 14.00 7.03 -28.56
CA SER B 221 14.02 8.42 -28.08
C SER B 221 13.04 8.59 -26.91
N ALA B 222 13.19 9.69 -26.13
CA ALA B 222 12.30 9.99 -25.00
C ALA B 222 10.86 10.29 -25.46
N VAL B 223 10.68 11.07 -26.55
CA VAL B 223 9.36 11.40 -27.14
C VAL B 223 8.62 10.10 -27.54
N GLU B 224 9.33 9.16 -28.21
CA GLU B 224 8.81 7.86 -28.63
C GLU B 224 8.33 7.07 -27.41
N ALA B 225 9.16 7.03 -26.36
CA ALA B 225 8.91 6.36 -25.10
C ALA B 225 7.69 6.93 -24.36
N LEU B 226 7.53 8.25 -24.38
CA LEU B 226 6.42 8.94 -23.70
C LEU B 226 5.08 8.65 -24.38
N ARG B 227 5.05 8.71 -25.72
CA ARG B 227 3.88 8.43 -26.55
C ARG B 227 3.47 6.96 -26.43
N GLY B 228 4.47 6.08 -26.37
CA GLY B 228 4.27 4.63 -26.28
C GLY B 228 3.87 4.11 -24.91
N LEU B 229 4.23 4.84 -23.84
CA LEU B 229 3.94 4.43 -22.46
C LEU B 229 2.90 5.29 -21.72
N TYR B 230 2.45 6.43 -22.30
CA TYR B 230 1.48 7.29 -21.61
C TYR B 230 0.17 6.57 -21.22
N SER B 231 -0.36 5.70 -22.10
CA SER B 231 -1.59 4.93 -21.83
C SER B 231 -1.48 4.08 -20.54
N ARG B 232 -0.25 3.81 -20.05
CA ARG B 232 -0.01 3.02 -18.84
C ARG B 232 -0.17 3.82 -17.52
N VAL B 233 0.07 5.16 -17.55
CA VAL B 233 0.03 5.99 -16.32
C VAL B 233 -1.40 6.28 -15.86
N LYS B 234 -1.54 6.65 -14.59
CA LYS B 234 -2.83 7.02 -13.98
C LYS B 234 -3.46 8.27 -14.67
N LYS B 235 -4.81 8.40 -14.63
CA LYS B 235 -5.51 9.57 -15.19
C LYS B 235 -5.02 10.80 -14.43
N GLY B 236 -4.53 11.80 -15.18
CA GLY B 236 -3.99 13.04 -14.62
C GLY B 236 -2.51 13.02 -14.30
N ALA B 237 -1.85 11.85 -14.45
CA ALA B 237 -0.43 11.68 -14.19
C ALA B 237 0.47 12.29 -15.29
N THR B 238 1.75 12.50 -14.96
CA THR B 238 2.78 13.00 -15.87
C THR B 238 3.88 11.94 -15.94
N LEU B 239 4.24 11.55 -17.17
CA LEU B 239 5.30 10.58 -17.44
C LEU B 239 6.58 11.36 -17.79
N VAL B 240 7.69 11.02 -17.13
CA VAL B 240 8.98 11.72 -17.25
C VAL B 240 10.07 10.75 -17.72
N CYS B 241 10.81 11.15 -18.75
CA CYS B 241 11.90 10.35 -19.28
C CYS B 241 13.16 11.18 -19.57
N ALA B 242 14.22 10.98 -18.77
CA ALA B 242 15.51 11.61 -19.00
C ALA B 242 16.26 10.72 -20.00
N TRP B 243 16.86 11.32 -21.03
CA TRP B 243 17.61 10.60 -22.06
C TRP B 243 19.07 11.04 -22.14
N ALA B 244 19.75 11.11 -20.97
CA ALA B 244 21.16 11.47 -20.81
C ALA B 244 21.55 12.80 -21.50
N GLU B 245 22.51 12.77 -22.45
CA GLU B 245 23.00 13.93 -23.18
C GLU B 245 21.93 14.55 -24.13
N GLU B 246 20.82 13.82 -24.39
CA GLU B 246 19.72 14.32 -25.22
C GLU B 246 18.75 15.19 -24.40
N GLY B 247 18.98 15.26 -23.09
CA GLY B 247 18.16 16.03 -22.16
C GLY B 247 17.12 15.20 -21.44
N ALA B 248 15.96 15.80 -21.19
CA ALA B 248 14.84 15.13 -20.51
C ALA B 248 13.53 15.63 -21.02
N ASP B 249 12.57 14.72 -21.15
CA ASP B 249 11.24 15.01 -21.67
C ASP B 249 10.13 14.61 -20.71
N ALA B 250 8.93 15.20 -20.90
CA ALA B 250 7.76 14.90 -20.09
C ALA B 250 6.47 15.01 -20.88
N LEU B 251 5.44 14.27 -20.45
CA LEU B 251 4.11 14.29 -21.06
C LEU B 251 3.06 14.15 -19.95
N GLY B 252 2.25 15.20 -19.81
CA GLY B 252 1.19 15.28 -18.82
C GLY B 252 -0.21 15.09 -19.38
N PRO B 253 -1.27 15.32 -18.54
CA PRO B 253 -2.65 15.10 -19.00
C PRO B 253 -3.16 16.01 -20.12
N ASP B 254 -2.51 17.17 -20.36
CA ASP B 254 -2.91 18.09 -21.44
C ASP B 254 -2.45 17.63 -22.85
N GLY B 255 -1.72 16.51 -22.88
CA GLY B 255 -1.19 15.92 -24.11
C GLY B 255 -0.04 16.67 -24.76
N GLN B 256 0.54 17.65 -24.04
CA GLN B 256 1.64 18.47 -24.55
C GLN B 256 3.00 17.90 -24.17
N LEU B 257 3.89 17.74 -25.17
CA LEU B 257 5.25 17.25 -24.97
C LEU B 257 6.13 18.37 -24.49
N LEU B 258 6.79 18.17 -23.34
CA LEU B 258 7.68 19.14 -22.73
C LEU B 258 9.10 18.63 -22.83
N HIS B 259 10.08 19.52 -23.01
CA HIS B 259 11.47 19.13 -23.16
C HIS B 259 12.42 20.18 -22.63
N SER B 260 13.54 19.70 -22.07
CA SER B 260 14.65 20.51 -21.64
C SER B 260 15.90 19.88 -22.23
N ASP B 261 16.78 20.69 -22.83
CA ASP B 261 18.06 20.19 -23.33
C ASP B 261 18.91 19.84 -22.09
N ALA B 262 19.89 18.95 -22.27
CA ALA B 262 20.81 18.61 -21.19
C ALA B 262 21.73 19.81 -20.96
N PHE B 263 22.31 19.92 -19.75
CA PHE B 263 23.26 20.98 -19.42
C PHE B 263 24.58 20.28 -19.06
N PRO B 264 25.29 19.66 -20.06
CA PRO B 264 26.52 18.94 -19.70
C PRO B 264 27.58 19.85 -19.10
N PRO B 265 28.38 19.32 -18.15
CA PRO B 265 29.41 20.15 -17.53
C PRO B 265 30.59 20.41 -18.49
N PRO B 266 31.56 21.31 -18.17
CA PRO B 266 32.73 21.46 -19.06
C PRO B 266 33.49 20.13 -19.27
N ARG B 267 33.58 19.29 -18.21
CA ARG B 267 34.23 17.98 -18.23
C ARG B 267 33.36 16.99 -17.47
N VAL B 268 32.87 15.96 -18.18
CA VAL B 268 32.02 14.88 -17.62
C VAL B 268 32.96 13.94 -16.85
N VAL B 269 32.91 13.99 -15.49
CA VAL B 269 33.82 13.20 -14.66
C VAL B 269 33.13 12.08 -13.87
N ASP B 270 31.85 12.25 -13.48
CA ASP B 270 31.11 11.28 -12.68
C ASP B 270 29.61 11.26 -12.97
N THR B 271 29.13 10.26 -13.73
CA THR B 271 27.70 10.14 -14.02
C THR B 271 26.98 9.25 -13.00
N LEU B 272 27.73 8.71 -11.99
CA LEU B 272 27.14 7.85 -10.96
C LEU B 272 26.23 8.70 -10.05
N GLY B 273 24.94 8.38 -10.06
CA GLY B 273 23.93 9.11 -9.31
C GLY B 273 23.25 10.23 -10.10
N ALA B 274 23.60 10.40 -11.38
CA ALA B 274 23.02 11.46 -12.24
C ALA B 274 21.51 11.34 -12.41
N GLY B 275 21.02 10.11 -12.60
CA GLY B 275 19.60 9.78 -12.73
C GLY B 275 18.84 10.11 -11.46
N ASP B 276 19.42 9.76 -10.32
CA ASP B 276 18.86 10.05 -8.98
C ASP B 276 18.91 11.55 -8.71
N THR B 277 19.95 12.25 -9.18
CA THR B 277 20.05 13.71 -9.05
C THR B 277 18.92 14.39 -9.85
N PHE B 278 18.65 13.89 -11.09
CA PHE B 278 17.56 14.39 -11.93
C PHE B 278 16.20 14.18 -11.21
N ASN B 279 15.94 12.95 -10.72
CA ASN B 279 14.69 12.58 -10.05
C ASN B 279 14.38 13.42 -8.84
N ALA B 280 15.34 13.54 -7.90
CA ALA B 280 15.22 14.34 -6.67
C ALA B 280 15.02 15.84 -6.95
N SER B 281 15.70 16.39 -7.98
CA SER B 281 15.57 17.79 -8.38
C SER B 281 14.18 18.09 -8.96
N VAL B 282 13.60 17.14 -9.73
CA VAL B 282 12.25 17.24 -10.31
C VAL B 282 11.21 17.23 -9.15
N ILE B 283 11.35 16.26 -8.19
CA ILE B 283 10.48 16.13 -7.02
C ILE B 283 10.54 17.44 -6.22
N PHE B 284 11.77 17.93 -5.92
CA PHE B 284 12.02 19.15 -5.15
C PHE B 284 11.29 20.33 -5.78
N SER B 285 11.52 20.54 -7.08
CA SER B 285 10.93 21.62 -7.87
C SER B 285 9.40 21.52 -7.85
N LEU B 286 8.83 20.34 -8.13
CA LEU B 286 7.38 20.11 -8.13
C LEU B 286 6.70 20.32 -6.77
N SER B 287 7.36 19.86 -5.67
CA SER B 287 6.84 20.01 -4.31
C SER B 287 6.81 21.50 -3.86
N LYS B 288 7.65 22.35 -4.48
CA LYS B 288 7.74 23.80 -4.22
C LYS B 288 6.72 24.60 -5.06
N GLY B 289 5.95 23.90 -5.90
CA GLY B 289 4.91 24.52 -6.72
C GLY B 289 5.34 24.97 -8.10
N ASN B 290 6.51 24.52 -8.58
CA ASN B 290 6.98 24.87 -9.92
C ASN B 290 6.25 24.04 -10.96
N SER B 291 6.17 24.53 -12.21
CA SER B 291 5.53 23.83 -13.32
C SER B 291 6.39 22.64 -13.77
N MET B 292 5.86 21.76 -14.63
CA MET B 292 6.60 20.61 -15.14
C MET B 292 7.78 21.06 -16.04
N GLN B 293 7.58 22.12 -16.85
CA GLN B 293 8.61 22.70 -17.72
C GLN B 293 9.79 23.23 -16.89
N GLU B 294 9.49 23.95 -15.78
CA GLU B 294 10.49 24.49 -14.83
C GLU B 294 11.21 23.33 -14.11
N ALA B 295 10.47 22.26 -13.71
CA ALA B 295 11.04 21.08 -13.02
C ALA B 295 11.98 20.30 -13.95
N LEU B 296 11.62 20.15 -15.24
CA LEU B 296 12.43 19.48 -16.27
C LEU B 296 13.76 20.20 -16.46
N ARG B 297 13.71 21.56 -16.59
CA ARG B 297 14.88 22.41 -16.76
C ARG B 297 15.81 22.28 -15.53
N PHE B 298 15.23 22.46 -14.31
CA PHE B 298 15.95 22.38 -13.05
C PHE B 298 16.62 21.02 -12.84
N GLY B 299 15.90 19.94 -13.18
CA GLY B 299 16.41 18.58 -13.13
C GLY B 299 17.64 18.38 -14.00
N CYS B 300 17.63 18.94 -15.24
CA CYS B 300 18.76 18.86 -16.17
C CYS B 300 19.94 19.72 -15.70
N GLN B 301 19.65 20.90 -15.10
CA GLN B 301 20.66 21.82 -14.57
C GLN B 301 21.43 21.21 -13.41
N VAL B 302 20.72 20.64 -12.43
CA VAL B 302 21.33 20.05 -11.22
C VAL B 302 22.09 18.74 -11.55
N ALA B 303 21.49 17.82 -12.35
CA ALA B 303 22.17 16.58 -12.73
C ALA B 303 23.36 16.84 -13.66
N GLY B 304 23.23 17.86 -14.52
CA GLY B 304 24.29 18.31 -15.42
C GLY B 304 25.48 18.88 -14.65
N LYS B 305 25.22 19.63 -13.58
CA LYS B 305 26.26 20.19 -12.70
C LYS B 305 26.91 19.03 -11.93
N LYS B 306 26.10 18.09 -11.43
CA LYS B 306 26.60 16.92 -10.68
C LYS B 306 27.59 16.11 -11.51
N CYS B 307 27.32 15.94 -12.81
CA CYS B 307 28.17 15.16 -13.72
C CYS B 307 29.61 15.70 -13.84
N GLY B 308 29.83 16.99 -13.51
CA GLY B 308 31.14 17.61 -13.54
C GLY B 308 31.86 17.61 -12.21
N LEU B 309 31.29 16.89 -11.22
CA LEU B 309 31.84 16.82 -9.86
C LEU B 309 31.88 15.38 -9.38
N GLN B 310 32.85 15.05 -8.51
CA GLN B 310 32.90 13.72 -7.92
C GLN B 310 31.93 13.75 -6.74
N GLY B 311 30.99 12.81 -6.73
CA GLY B 311 29.97 12.74 -5.71
C GLY B 311 28.86 13.76 -5.87
N PHE B 312 28.20 14.10 -4.76
CA PHE B 312 27.05 15.00 -4.79
C PHE B 312 27.29 16.41 -4.18
N ASP B 313 28.15 16.52 -3.17
CA ASP B 313 28.42 17.71 -2.35
C ASP B 313 28.61 19.07 -3.08
N GLY B 314 29.16 19.06 -4.29
CA GLY B 314 29.39 20.31 -5.03
C GLY B 314 28.22 20.92 -5.77
N ILE B 315 27.02 20.28 -5.75
CA ILE B 315 25.83 20.80 -6.48
C ILE B 315 25.32 22.13 -5.90
N VAL B 316 25.56 22.38 -4.59
CA VAL B 316 25.15 23.61 -3.89
C VAL B 316 26.35 24.28 -3.22
N GLU C 21 -35.42 35.17 29.21
CA GLU C 21 -35.76 34.54 27.93
C GLU C 21 -35.90 33.00 28.08
N LYS C 22 -37.01 32.57 28.72
CA LYS C 22 -37.33 31.17 29.01
C LYS C 22 -37.50 30.32 27.75
N GLN C 23 -37.11 29.03 27.84
CA GLN C 23 -37.23 28.09 26.73
C GLN C 23 -38.54 27.29 26.79
N ILE C 24 -38.81 26.54 25.71
CA ILE C 24 -39.91 25.62 25.53
C ILE C 24 -39.26 24.24 25.48
N LEU C 25 -39.61 23.36 26.42
CA LEU C 25 -39.07 22.01 26.49
C LEU C 25 -40.04 21.01 25.84
N CYS C 26 -39.52 20.19 24.93
CA CYS C 26 -40.27 19.12 24.27
C CYS C 26 -39.62 17.81 24.70
N VAL C 27 -40.39 16.96 25.38
CA VAL C 27 -39.98 15.66 25.93
C VAL C 27 -40.57 14.60 25.01
N GLY C 28 -39.73 13.72 24.50
CA GLY C 28 -40.20 12.66 23.62
C GLY C 28 -39.13 11.95 22.82
N LEU C 29 -39.48 11.60 21.59
CA LEU C 29 -38.65 10.81 20.70
C LEU C 29 -37.82 11.59 19.68
N VAL C 30 -36.57 11.11 19.48
CA VAL C 30 -35.62 11.55 18.45
C VAL C 30 -35.24 10.30 17.64
N VAL C 31 -35.44 10.35 16.31
CA VAL C 31 -35.13 9.18 15.49
C VAL C 31 -34.42 9.62 14.20
N LEU C 32 -33.61 8.69 13.61
CA LEU C 32 -32.98 8.93 12.32
C LEU C 32 -34.01 8.57 11.27
N ASP C 33 -34.46 9.57 10.50
CA ASP C 33 -35.40 9.37 9.40
C ASP C 33 -34.61 9.20 8.11
N ILE C 34 -34.67 7.99 7.52
CA ILE C 34 -34.04 7.70 6.23
C ILE C 34 -35.20 7.74 5.27
N ILE C 35 -35.33 8.86 4.58
CA ILE C 35 -36.45 9.22 3.70
C ILE C 35 -36.11 9.01 2.24
N ASN C 36 -36.93 8.18 1.57
CA ASN C 36 -36.83 7.96 0.13
C ASN C 36 -38.06 8.61 -0.52
N VAL C 37 -37.82 9.55 -1.45
CA VAL C 37 -38.87 10.22 -2.22
C VAL C 37 -39.02 9.38 -3.50
N VAL C 38 -40.25 8.94 -3.79
CA VAL C 38 -40.60 8.11 -4.96
C VAL C 38 -41.68 8.79 -5.80
N ASP C 39 -41.77 8.43 -7.08
CA ASP C 39 -42.73 8.92 -8.07
C ASP C 39 -44.09 8.17 -7.95
N LYS C 40 -44.06 6.91 -7.50
CA LYS C 40 -45.22 6.04 -7.31
C LYS C 40 -44.95 5.18 -6.07
N TYR C 41 -46.01 4.82 -5.32
CA TYR C 41 -45.85 3.95 -4.16
C TYR C 41 -45.41 2.54 -4.62
N PRO C 42 -44.34 1.95 -4.04
CA PRO C 42 -43.90 0.65 -4.53
C PRO C 42 -44.85 -0.49 -4.26
N GLU C 43 -44.99 -1.36 -5.26
CA GLU C 43 -45.78 -2.58 -5.21
C GLU C 43 -44.88 -3.58 -4.46
N GLU C 44 -45.46 -4.47 -3.66
CA GLU C 44 -44.74 -5.48 -2.90
C GLU C 44 -43.89 -6.34 -3.83
N ASP C 45 -42.62 -6.58 -3.46
CA ASP C 45 -41.62 -7.40 -4.15
C ASP C 45 -41.00 -6.74 -5.42
N THR C 46 -41.07 -5.42 -5.51
CA THR C 46 -40.48 -4.73 -6.66
C THR C 46 -39.22 -3.98 -6.25
N ASP C 47 -38.43 -3.57 -7.24
CA ASP C 47 -37.22 -2.79 -7.09
C ASP C 47 -37.35 -1.46 -7.81
N ARG C 48 -36.90 -0.39 -7.17
CA ARG C 48 -36.92 0.91 -7.80
C ARG C 48 -35.86 1.83 -7.24
N ARG C 49 -35.50 2.82 -8.03
CA ARG C 49 -34.57 3.87 -7.67
C ARG C 49 -35.43 4.99 -7.11
N CYS C 50 -34.97 5.63 -6.04
CA CYS C 50 -35.67 6.77 -5.45
C CYS C 50 -35.44 7.99 -6.37
N LEU C 51 -36.28 9.03 -6.22
CA LEU C 51 -36.08 10.30 -6.91
C LEU C 51 -34.96 11.02 -6.14
N SER C 52 -34.99 10.88 -4.80
CA SER C 52 -34.01 11.42 -3.86
C SER C 52 -34.07 10.66 -2.53
N GLN C 53 -32.99 10.72 -1.77
CA GLN C 53 -32.88 10.13 -0.45
C GLN C 53 -32.21 11.11 0.50
N ARG C 54 -32.77 11.27 1.73
CA ARG C 54 -32.19 12.14 2.74
C ARG C 54 -32.23 11.50 4.13
N TRP C 55 -31.21 11.82 4.94
CA TRP C 55 -31.06 11.36 6.32
C TRP C 55 -31.43 12.58 7.17
N GLN C 56 -32.65 12.58 7.72
CA GLN C 56 -33.25 13.69 8.43
C GLN C 56 -33.50 13.38 9.92
N ARG C 57 -33.33 14.35 10.82
CA ARG C 57 -33.62 14.15 12.24
C ARG C 57 -35.16 14.19 12.41
N GLY C 58 -35.71 13.12 12.96
CA GLY C 58 -37.14 12.96 13.14
C GLY C 58 -37.56 12.67 14.57
N GLY C 59 -38.80 12.23 14.73
CA GLY C 59 -39.41 11.96 16.03
C GLY C 59 -40.36 13.10 16.25
N ASN C 60 -41.53 12.83 16.82
CA ASN C 60 -42.55 13.85 17.01
C ASN C 60 -42.09 15.08 17.83
N ALA C 61 -41.57 14.89 19.08
CA ALA C 61 -41.08 15.98 19.93
C ALA C 61 -39.86 16.68 19.32
N SER C 62 -38.94 15.91 18.70
CA SER C 62 -37.76 16.46 18.01
C SER C 62 -38.18 17.32 16.80
N ASN C 63 -39.20 16.88 16.01
CA ASN C 63 -39.72 17.66 14.86
C ASN C 63 -40.38 18.95 15.34
N SER C 64 -41.07 18.93 16.53
CA SER C 64 -41.70 20.13 17.12
C SER C 64 -40.63 21.17 17.45
N CYS C 65 -39.45 20.73 17.96
CA CYS C 65 -38.25 21.55 18.23
C CYS C 65 -37.75 22.22 16.93
N THR C 66 -37.62 21.46 15.81
CA THR C 66 -37.21 21.98 14.50
C THR C 66 -38.10 23.17 14.09
N VAL C 67 -39.44 22.95 14.13
CA VAL C 67 -40.44 23.96 13.76
C VAL C 67 -40.39 25.14 14.72
N LEU C 68 -40.25 24.87 16.04
CA LEU C 68 -40.19 25.94 17.05
C LEU C 68 -38.97 26.81 16.85
N SER C 69 -37.81 26.19 16.54
CA SER C 69 -36.57 26.93 16.27
C SER C 69 -36.69 27.78 15.01
N LEU C 70 -37.29 27.23 13.92
CA LEU C 70 -37.53 27.96 12.66
C LEU C 70 -38.46 29.17 12.87
N LEU C 71 -39.43 29.06 13.80
CA LEU C 71 -40.37 30.14 14.12
C LEU C 71 -39.76 31.25 15.00
N GLY C 72 -38.60 30.97 15.61
CA GLY C 72 -37.88 31.95 16.43
C GLY C 72 -37.94 31.73 17.92
N ALA C 73 -38.49 30.58 18.35
CA ALA C 73 -38.60 30.25 19.76
C ALA C 73 -37.31 29.57 20.25
N ARG C 74 -36.96 29.81 21.53
CA ARG C 74 -35.82 29.19 22.20
C ARG C 74 -36.39 27.86 22.73
N CYS C 75 -35.85 26.73 22.26
CA CYS C 75 -36.41 25.46 22.69
C CYS C 75 -35.33 24.41 22.99
N ALA C 76 -35.66 23.51 23.94
CA ALA C 76 -34.80 22.42 24.40
C ALA C 76 -35.47 21.09 24.11
N PHE C 77 -34.64 20.04 23.92
CA PHE C 77 -35.12 18.68 23.69
C PHE C 77 -34.70 17.75 24.84
N MET C 78 -35.64 16.93 25.29
CA MET C 78 -35.38 15.91 26.29
C MET C 78 -35.84 14.57 25.73
N GLY C 79 -34.87 13.71 25.47
CA GLY C 79 -35.13 12.38 24.94
C GLY C 79 -33.89 11.53 25.06
N SER C 80 -34.03 10.23 24.79
CA SER C 80 -32.90 9.31 24.87
C SER C 80 -32.13 9.17 23.56
N LEU C 81 -30.82 8.92 23.68
CA LEU C 81 -29.90 8.65 22.59
C LEU C 81 -28.86 7.67 23.11
N ALA C 82 -28.39 6.78 22.23
CA ALA C 82 -27.32 5.83 22.54
C ALA C 82 -26.06 6.34 21.83
N PRO C 83 -24.85 6.30 22.43
CA PRO C 83 -23.66 6.78 21.70
C PRO C 83 -23.40 5.99 20.42
N GLY C 84 -22.98 6.71 19.38
CA GLY C 84 -22.67 6.17 18.06
C GLY C 84 -22.65 7.27 17.02
N HIS C 85 -22.34 6.93 15.75
CA HIS C 85 -22.30 7.89 14.65
C HIS C 85 -23.67 8.50 14.34
N VAL C 86 -24.75 7.74 14.58
CA VAL C 86 -26.12 8.20 14.36
C VAL C 86 -26.47 9.32 15.35
N ALA C 87 -26.24 9.09 16.67
CA ALA C 87 -26.49 10.08 17.73
C ALA C 87 -25.69 11.37 17.50
N ASP C 88 -24.42 11.25 17.05
CA ASP C 88 -23.52 12.39 16.77
C ASP C 88 -24.12 13.29 15.69
N PHE C 89 -24.66 12.68 14.61
CA PHE C 89 -25.32 13.36 13.50
C PHE C 89 -26.59 14.05 13.98
N LEU C 90 -27.43 13.34 14.79
CA LEU C 90 -28.69 13.89 15.33
C LEU C 90 -28.46 15.08 16.25
N VAL C 91 -27.43 14.98 17.14
CA VAL C 91 -27.02 16.03 18.06
C VAL C 91 -26.45 17.21 17.26
N ALA C 92 -25.62 16.94 16.23
CA ALA C 92 -25.05 17.99 15.35
C ALA C 92 -26.17 18.74 14.59
N ASP C 93 -27.24 18.04 14.23
CA ASP C 93 -28.38 18.65 13.54
C ASP C 93 -29.17 19.54 14.50
N PHE C 94 -29.44 19.05 15.73
CA PHE C 94 -30.14 19.79 16.80
C PHE C 94 -29.39 21.11 17.09
N ARG C 95 -28.05 21.02 17.25
CA ARG C 95 -27.16 22.13 17.55
C ARG C 95 -27.15 23.18 16.44
N GLN C 96 -27.11 22.74 15.18
CA GLN C 96 -27.13 23.62 14.01
C GLN C 96 -28.45 24.40 13.94
N ARG C 97 -29.54 23.79 14.45
CA ARG C 97 -30.85 24.42 14.50
C ARG C 97 -31.08 25.23 15.78
N GLY C 98 -30.09 25.24 16.68
CA GLY C 98 -30.15 25.98 17.94
C GLY C 98 -31.09 25.40 18.98
N VAL C 99 -31.29 24.09 18.93
CA VAL C 99 -32.10 23.36 19.90
C VAL C 99 -31.12 22.91 20.99
N ASP C 100 -31.44 23.26 22.24
CA ASP C 100 -30.65 22.94 23.44
C ASP C 100 -30.74 21.41 23.67
N VAL C 101 -29.58 20.73 23.81
CA VAL C 101 -29.55 19.27 23.98
C VAL C 101 -29.00 18.81 25.36
N SER C 102 -28.94 19.73 26.34
CA SER C 102 -28.42 19.46 27.68
C SER C 102 -29.27 18.47 28.50
N GLN C 103 -30.56 18.31 28.16
CA GLN C 103 -31.47 17.40 28.89
C GLN C 103 -31.57 16.01 28.22
N VAL C 104 -30.75 15.75 27.18
CA VAL C 104 -30.73 14.46 26.49
C VAL C 104 -30.30 13.38 27.51
N THR C 105 -31.02 12.26 27.52
CA THR C 105 -30.75 11.16 28.43
C THR C 105 -29.89 10.14 27.66
N TRP C 106 -28.56 10.23 27.83
CA TRP C 106 -27.59 9.33 27.19
C TRP C 106 -27.67 7.95 27.79
N GLN C 107 -27.93 6.94 26.96
CA GLN C 107 -28.08 5.54 27.38
C GLN C 107 -26.82 4.74 27.03
N SER C 108 -26.21 4.06 28.03
CA SER C 108 -25.02 3.23 27.81
C SER C 108 -25.32 1.97 26.99
N GLN C 109 -26.58 1.50 27.08
CA GLN C 109 -27.07 0.31 26.41
C GLN C 109 -28.24 0.64 25.49
N GLY C 110 -28.31 -0.06 24.37
CA GLY C 110 -29.41 0.13 23.43
C GLY C 110 -29.04 0.76 22.11
N ASP C 111 -30.08 1.00 21.27
CA ASP C 111 -29.94 1.54 19.93
C ASP C 111 -30.80 2.75 19.70
N THR C 112 -30.19 3.76 19.07
CA THR C 112 -30.84 5.01 18.67
C THR C 112 -31.97 4.64 17.67
N PRO C 113 -33.21 5.13 17.88
CA PRO C 113 -34.30 4.78 16.95
C PRO C 113 -34.04 5.20 15.51
N CYS C 114 -34.46 4.35 14.56
CA CYS C 114 -34.30 4.63 13.14
C CYS C 114 -35.54 4.20 12.38
N SER C 115 -35.99 5.08 11.50
CA SER C 115 -37.14 4.78 10.67
C SER C 115 -36.79 4.89 9.20
N CYS C 116 -37.47 4.10 8.39
CA CYS C 116 -37.34 4.18 6.94
C CYS C 116 -38.67 4.72 6.48
N CYS C 117 -38.61 5.85 5.78
CA CYS C 117 -39.79 6.55 5.32
C CYS C 117 -39.87 6.58 3.81
N ILE C 118 -41.07 6.32 3.28
CA ILE C 118 -41.34 6.39 1.85
C ILE C 118 -42.23 7.59 1.63
N VAL C 119 -41.72 8.62 0.95
CA VAL C 119 -42.45 9.84 0.64
C VAL C 119 -42.86 9.79 -0.82
N ASN C 120 -44.16 9.79 -1.08
CA ASN C 120 -44.64 9.74 -2.45
C ASN C 120 -44.84 11.17 -2.92
N ASN C 121 -44.01 11.59 -3.88
CA ASN C 121 -43.99 12.94 -4.47
C ASN C 121 -45.30 13.32 -5.16
N SER C 122 -46.03 12.32 -5.68
CA SER C 122 -47.26 12.46 -6.45
C SER C 122 -48.51 12.86 -5.65
N ASN C 123 -48.52 12.61 -4.33
CA ASN C 123 -49.66 12.93 -3.46
C ASN C 123 -49.25 13.40 -2.06
N GLY C 124 -47.95 13.40 -1.79
CA GLY C 124 -47.39 13.83 -0.52
C GLY C 124 -47.46 12.85 0.62
N SER C 125 -47.92 11.61 0.34
CA SER C 125 -48.06 10.55 1.35
C SER C 125 -46.73 10.16 2.00
N ARG C 126 -46.80 9.68 3.24
CA ARG C 126 -45.63 9.20 3.96
C ARG C 126 -45.94 7.88 4.63
N THR C 127 -45.14 6.87 4.31
CA THR C 127 -45.25 5.51 4.85
C THR C 127 -44.01 5.27 5.70
N ILE C 128 -44.22 5.07 7.01
CA ILE C 128 -43.13 4.93 7.97
C ILE C 128 -43.04 3.52 8.58
N ILE C 129 -41.82 2.97 8.61
CA ILE C 129 -41.49 1.72 9.29
C ILE C 129 -40.44 2.13 10.33
N LEU C 130 -40.83 2.06 11.59
CA LEU C 130 -40.00 2.51 12.70
C LEU C 130 -39.42 1.39 13.56
N TYR C 131 -38.15 1.57 13.96
CA TYR C 131 -37.41 0.72 14.90
C TYR C 131 -37.11 1.65 16.08
N ASP C 132 -37.84 1.49 17.20
CA ASP C 132 -37.68 2.35 18.39
C ASP C 132 -37.83 1.54 19.69
N THR C 133 -37.80 0.21 19.58
CA THR C 133 -38.05 -0.73 20.67
C THR C 133 -36.82 -1.11 21.52
N ASN C 134 -35.60 -0.66 21.16
CA ASN C 134 -34.43 -1.06 21.93
C ASN C 134 -33.67 0.12 22.59
N LEU C 135 -34.42 1.03 23.24
CA LEU C 135 -33.81 2.17 23.93
C LEU C 135 -34.62 2.58 25.17
N PRO C 136 -33.99 2.62 26.36
CA PRO C 136 -34.73 3.05 27.56
C PRO C 136 -35.25 4.48 27.42
N ASP C 137 -36.48 4.68 27.87
CA ASP C 137 -37.14 5.98 27.82
C ASP C 137 -36.67 6.88 28.93
N VAL C 138 -37.01 8.18 28.82
CA VAL C 138 -36.74 9.19 29.84
C VAL C 138 -37.60 8.77 31.02
N SER C 139 -36.98 8.63 32.20
CA SER C 139 -37.69 8.23 33.40
C SER C 139 -38.17 9.47 34.16
N ALA C 140 -39.07 9.25 35.15
CA ALA C 140 -39.57 10.31 36.03
C ALA C 140 -38.40 10.81 36.88
N LYS C 141 -37.49 9.90 37.22
CA LYS C 141 -36.26 10.15 37.97
C LYS C 141 -35.35 11.10 37.18
N ASP C 142 -35.21 10.87 35.83
CA ASP C 142 -34.46 11.74 34.91
C ASP C 142 -35.08 13.13 34.87
N PHE C 143 -36.43 13.19 34.76
CA PHE C 143 -37.17 14.44 34.69
C PHE C 143 -37.06 15.25 36.00
N GLU C 144 -36.84 14.59 37.15
CA GLU C 144 -36.70 15.25 38.45
C GLU C 144 -35.53 16.26 38.51
N LYS C 145 -34.52 16.07 37.63
CA LYS C 145 -33.32 16.89 37.56
C LYS C 145 -33.53 18.20 36.76
N VAL C 146 -34.60 18.25 35.95
CA VAL C 146 -34.94 19.40 35.09
C VAL C 146 -35.30 20.64 35.92
N ASP C 147 -34.58 21.76 35.69
CA ASP C 147 -34.88 23.01 36.36
C ASP C 147 -36.09 23.59 35.66
N LEU C 148 -37.26 23.57 36.31
CA LEU C 148 -38.51 23.99 35.67
C LEU C 148 -38.63 25.50 35.47
N THR C 149 -37.86 26.30 36.24
CA THR C 149 -37.82 27.77 36.15
C THR C 149 -37.22 28.29 34.82
N ARG C 150 -36.43 27.46 34.08
CA ARG C 150 -35.87 27.90 32.79
C ARG C 150 -36.86 27.68 31.65
N PHE C 151 -38.03 27.08 31.93
CA PHE C 151 -39.07 26.84 30.92
C PHE C 151 -40.40 27.53 31.21
N LYS C 152 -41.01 28.07 30.14
CA LYS C 152 -42.31 28.73 30.17
C LYS C 152 -43.40 27.76 29.62
N TRP C 153 -42.94 26.76 28.84
CA TRP C 153 -43.80 25.75 28.25
C TRP C 153 -43.09 24.40 28.20
N ILE C 154 -43.81 23.34 28.63
CA ILE C 154 -43.34 21.96 28.57
C ILE C 154 -44.36 21.13 27.77
N HIS C 155 -43.90 20.59 26.63
CA HIS C 155 -44.69 19.73 25.76
C HIS C 155 -44.22 18.27 25.89
N ILE C 156 -45.14 17.39 26.27
CA ILE C 156 -44.80 15.99 26.41
C ILE C 156 -45.43 15.15 25.28
N GLU C 157 -44.57 14.46 24.52
CA GLU C 157 -44.95 13.51 23.49
C GLU C 157 -45.29 12.21 24.21
N GLY C 158 -46.57 11.87 24.24
CA GLY C 158 -47.07 10.67 24.89
C GLY C 158 -46.39 9.41 24.40
N ARG C 159 -45.72 8.70 25.33
CA ARG C 159 -44.95 7.48 25.05
C ARG C 159 -45.05 6.47 26.19
N ASN C 160 -44.21 6.62 27.23
CA ASN C 160 -44.21 5.77 28.43
C ASN C 160 -45.07 6.51 29.46
N ALA C 161 -46.39 6.42 29.27
CA ALA C 161 -47.44 7.10 30.03
C ALA C 161 -47.29 7.03 31.53
N SER C 162 -47.04 5.82 32.13
CA SER C 162 -46.93 5.69 33.58
C SER C 162 -45.80 6.56 34.18
N GLU C 163 -44.64 6.62 33.51
CA GLU C 163 -43.53 7.47 33.95
C GLU C 163 -43.81 8.94 33.65
N GLN C 164 -44.40 9.24 32.46
CA GLN C 164 -44.73 10.60 32.08
C GLN C 164 -45.79 11.22 32.97
N VAL C 165 -46.69 10.40 33.56
CA VAL C 165 -47.72 10.85 34.52
C VAL C 165 -47.02 11.47 35.75
N LYS C 166 -45.93 10.83 36.23
CA LYS C 166 -45.14 11.32 37.36
C LYS C 166 -44.45 12.65 37.00
N MET C 167 -44.02 12.81 35.73
CA MET C 167 -43.39 14.03 35.19
C MET C 167 -44.39 15.18 35.18
N LEU C 168 -45.66 14.86 34.87
CA LEU C 168 -46.76 15.80 34.81
C LEU C 168 -47.21 16.24 36.20
N GLN C 169 -47.14 15.30 37.18
CA GLN C 169 -47.46 15.53 38.58
C GLN C 169 -46.42 16.47 39.19
N ARG C 170 -45.13 16.31 38.78
CA ARG C 170 -44.03 17.15 39.27
C ARG C 170 -44.25 18.62 38.86
N ILE C 171 -44.67 18.85 37.58
CA ILE C 171 -44.95 20.20 37.06
C ILE C 171 -46.12 20.84 37.83
N GLU C 172 -47.18 20.03 38.13
CA GLU C 172 -48.38 20.45 38.87
C GLU C 172 -48.00 20.93 40.26
N GLU C 173 -47.13 20.18 40.97
CA GLU C 173 -46.61 20.54 42.31
C GLU C 173 -45.87 21.87 42.24
N HIS C 174 -44.97 22.01 41.23
CA HIS C 174 -44.17 23.21 40.96
C HIS C 174 -45.04 24.45 40.71
N ASN C 175 -46.02 24.34 39.79
CA ASN C 175 -46.94 25.41 39.41
C ASN C 175 -47.86 25.90 40.52
N ALA C 176 -48.25 25.02 41.46
CA ALA C 176 -49.10 25.36 42.61
C ALA C 176 -48.43 26.33 43.59
N LYS C 177 -47.07 26.35 43.60
CA LYS C 177 -46.25 27.20 44.46
C LYS C 177 -45.83 28.47 43.73
N GLN C 178 -46.20 28.62 42.45
CA GLN C 178 -45.81 29.76 41.62
C GLN C 178 -46.93 30.76 41.37
N PRO C 179 -46.62 32.08 41.29
CA PRO C 179 -47.67 33.04 40.87
C PRO C 179 -48.00 32.79 39.40
N LEU C 180 -49.19 33.24 38.96
CA LEU C 180 -49.70 33.06 37.60
C LEU C 180 -48.63 33.27 36.47
N PRO C 181 -47.83 34.37 36.39
CA PRO C 181 -46.85 34.47 35.28
C PRO C 181 -45.66 33.51 35.37
N GLN C 182 -45.44 32.89 36.54
CA GLN C 182 -44.35 31.94 36.80
C GLN C 182 -44.77 30.47 36.64
N LYS C 183 -46.04 30.24 36.26
CA LYS C 183 -46.53 28.88 36.06
C LYS C 183 -46.09 28.38 34.69
N VAL C 184 -45.59 27.14 34.62
CA VAL C 184 -45.14 26.52 33.39
C VAL C 184 -46.38 26.00 32.64
N ARG C 185 -46.55 26.41 31.38
CA ARG C 185 -47.67 25.93 30.58
C ARG C 185 -47.38 24.51 30.08
N VAL C 186 -48.38 23.64 30.11
CA VAL C 186 -48.18 22.23 29.75
C VAL C 186 -49.12 21.77 28.63
N SER C 187 -48.56 21.14 27.60
CA SER C 187 -49.31 20.50 26.52
C SER C 187 -48.91 19.02 26.43
N VAL C 188 -49.87 18.19 26.00
CA VAL C 188 -49.67 16.73 25.91
C VAL C 188 -50.17 16.29 24.56
N GLU C 189 -49.44 15.39 23.89
CA GLU C 189 -49.90 14.87 22.61
C GLU C 189 -50.12 13.35 22.67
N ILE C 190 -51.33 12.94 22.26
CA ILE C 190 -51.75 11.53 22.16
C ILE C 190 -51.89 11.27 20.64
N GLU C 191 -50.79 10.82 20.02
CA GLU C 191 -50.66 10.62 18.57
C GLU C 191 -50.89 9.16 18.13
N LYS C 192 -50.40 8.19 18.90
CA LYS C 192 -50.54 6.78 18.57
C LYS C 192 -51.74 6.13 19.29
N PRO C 193 -52.50 5.26 18.60
CA PRO C 193 -53.69 4.65 19.25
C PRO C 193 -53.39 3.49 20.23
N ARG C 194 -52.51 3.77 21.21
CA ARG C 194 -52.12 2.83 22.26
C ARG C 194 -52.93 3.16 23.51
N GLU C 195 -53.56 2.11 24.11
CA GLU C 195 -54.40 2.15 25.31
C GLU C 195 -53.75 2.87 26.49
N GLU C 196 -52.45 2.57 26.77
CA GLU C 196 -51.61 3.14 27.84
C GLU C 196 -51.65 4.68 27.84
N LEU C 197 -51.61 5.29 26.64
CA LEU C 197 -51.62 6.75 26.42
C LEU C 197 -52.87 7.49 26.95
N PHE C 198 -54.03 6.82 26.98
CA PHE C 198 -55.33 7.40 27.36
C PHE C 198 -55.37 7.98 28.79
N GLN C 199 -54.42 7.58 29.67
CA GLN C 199 -54.30 8.15 31.02
C GLN C 199 -53.69 9.57 30.99
N LEU C 200 -53.04 9.94 29.87
CA LEU C 200 -52.40 11.26 29.64
C LEU C 200 -53.40 12.34 29.28
N PHE C 201 -54.62 11.95 28.90
CA PHE C 201 -55.69 12.90 28.56
C PHE C 201 -55.95 13.88 29.72
N SER C 202 -55.90 13.35 30.96
CA SER C 202 -56.14 14.03 32.24
C SER C 202 -55.12 15.13 32.62
N TYR C 203 -54.04 15.27 31.85
CA TYR C 203 -52.98 16.26 32.16
C TYR C 203 -52.76 17.27 31.04
N GLY C 204 -52.27 18.45 31.41
CA GLY C 204 -51.98 19.56 30.51
C GLY C 204 -53.13 20.51 30.28
N GLU C 205 -52.80 21.78 29.94
CA GLU C 205 -53.78 22.83 29.62
C GLU C 205 -54.23 22.69 28.16
N VAL C 206 -53.38 22.07 27.32
CA VAL C 206 -53.65 21.81 25.90
C VAL C 206 -53.35 20.34 25.63
N VAL C 207 -54.32 19.62 25.10
CA VAL C 207 -54.12 18.21 24.78
C VAL C 207 -54.34 18.07 23.28
N PHE C 208 -53.36 17.53 22.56
CA PHE C 208 -53.44 17.26 21.12
C PHE C 208 -53.80 15.79 20.92
N VAL C 209 -54.86 15.52 20.15
CA VAL C 209 -55.28 14.17 19.83
C VAL C 209 -55.26 14.06 18.29
N SER C 210 -54.59 13.04 17.77
CA SER C 210 -54.48 12.85 16.32
C SER C 210 -55.75 12.29 15.70
N LYS C 211 -55.87 12.46 14.37
CA LYS C 211 -56.96 11.93 13.55
C LYS C 211 -56.92 10.38 13.65
N ASP C 212 -55.69 9.80 13.68
CA ASP C 212 -55.42 8.36 13.83
C ASP C 212 -56.02 7.78 15.13
N VAL C 213 -55.76 8.45 16.29
CA VAL C 213 -56.31 8.05 17.59
C VAL C 213 -57.84 8.12 17.55
N ALA C 214 -58.39 9.25 17.06
CA ALA C 214 -59.83 9.49 16.95
C ALA C 214 -60.53 8.45 16.08
N LYS C 215 -59.96 8.13 14.88
CA LYS C 215 -60.52 7.14 13.96
C LYS C 215 -60.52 5.73 14.54
N HIS C 216 -59.48 5.40 15.33
CA HIS C 216 -59.35 4.12 16.01
C HIS C 216 -60.40 3.99 17.13
N LEU C 217 -60.80 5.11 17.76
CA LEU C 217 -61.80 5.12 18.82
C LEU C 217 -63.25 5.15 18.24
N GLY C 218 -63.35 5.23 16.92
CA GLY C 218 -64.61 5.22 16.19
C GLY C 218 -65.10 6.54 15.64
N PHE C 219 -64.39 7.64 15.94
CA PHE C 219 -64.77 8.99 15.51
C PHE C 219 -64.49 9.23 14.02
N GLN C 220 -65.48 9.79 13.31
CA GLN C 220 -65.40 10.05 11.86
C GLN C 220 -65.13 11.53 11.50
N SER C 221 -65.03 12.41 12.50
CA SER C 221 -64.73 13.83 12.33
C SER C 221 -64.07 14.39 13.59
N ALA C 222 -63.41 15.56 13.48
CA ALA C 222 -62.75 16.22 14.62
C ALA C 222 -63.76 16.68 15.69
N VAL C 223 -64.92 17.27 15.26
CA VAL C 223 -66.00 17.71 16.16
C VAL C 223 -66.53 16.53 17.01
N GLU C 224 -66.76 15.37 16.36
CA GLU C 224 -67.22 14.13 16.98
C GLU C 224 -66.21 13.68 18.04
N ALA C 225 -64.92 13.68 17.68
CA ALA C 225 -63.79 13.32 18.52
C ALA C 225 -63.65 14.22 19.75
N LEU C 226 -63.85 15.55 19.57
CA LEU C 226 -63.74 16.52 20.65
C LEU C 226 -64.86 16.36 21.67
N ARG C 227 -66.12 16.18 21.19
CA ARG C 227 -67.30 15.96 22.02
C ARG C 227 -67.20 14.64 22.79
N GLY C 228 -66.68 13.62 22.13
CA GLY C 228 -66.52 12.28 22.70
C GLY C 228 -65.38 12.12 23.68
N LEU C 229 -64.32 12.95 23.56
CA LEU C 229 -63.14 12.86 24.43
C LEU C 229 -62.96 14.03 25.43
N TYR C 230 -63.76 15.11 25.33
CA TYR C 230 -63.59 16.25 26.23
C TYR C 230 -63.68 15.89 27.73
N SER C 231 -64.62 15.00 28.12
CA SER C 231 -64.77 14.57 29.52
C SER C 231 -63.49 13.96 30.12
N ARG C 232 -62.53 13.54 29.26
CA ARG C 232 -61.25 12.95 29.68
C ARG C 232 -60.18 13.97 30.11
N VAL C 233 -60.28 15.23 29.59
CA VAL C 233 -59.29 16.27 29.87
C VAL C 233 -59.43 16.85 31.28
N LYS C 234 -58.38 17.59 31.71
CA LYS C 234 -58.30 18.31 32.98
C LYS C 234 -59.34 19.45 32.98
N LYS C 235 -59.86 19.83 34.17
CA LYS C 235 -60.81 20.95 34.25
C LYS C 235 -60.07 22.23 33.82
N GLY C 236 -60.63 22.93 32.84
CA GLY C 236 -60.06 24.15 32.28
C GLY C 236 -59.18 23.92 31.07
N ALA C 237 -58.97 22.65 30.67
CA ALA C 237 -58.11 22.32 29.52
C ALA C 237 -58.79 22.45 28.16
N THR C 238 -57.99 22.64 27.11
CA THR C 238 -58.48 22.70 25.73
C THR C 238 -58.00 21.46 24.99
N LEU C 239 -58.93 20.75 24.33
CA LEU C 239 -58.64 19.57 23.52
C LEU C 239 -58.55 20.02 22.05
N VAL C 240 -57.46 19.62 21.37
CA VAL C 240 -57.16 20.02 19.99
C VAL C 240 -57.05 18.79 19.09
N CYS C 241 -57.74 18.83 17.93
CA CYS C 241 -57.70 17.75 16.97
C CYS C 241 -57.56 18.25 15.52
N ALA C 242 -56.40 17.97 14.89
CA ALA C 242 -56.18 18.30 13.48
C ALA C 242 -56.69 17.11 12.68
N TRP C 243 -57.46 17.39 11.60
CA TRP C 243 -58.05 16.36 10.75
C TRP C 243 -57.58 16.48 9.29
N ALA C 244 -56.26 16.65 9.09
CA ALA C 244 -55.57 16.77 7.80
C ALA C 244 -56.20 17.83 6.86
N GLU C 245 -56.68 17.42 5.66
CA GLU C 245 -57.29 18.32 4.66
C GLU C 245 -58.65 18.91 5.11
N GLU C 246 -59.24 18.38 6.19
CA GLU C 246 -60.49 18.92 6.75
C GLU C 246 -60.22 20.09 7.72
N GLY C 247 -58.94 20.38 7.95
CA GLY C 247 -58.50 21.46 8.84
C GLY C 247 -58.17 20.98 10.24
N ALA C 248 -58.44 21.84 11.24
CA ALA C 248 -58.18 21.55 12.65
C ALA C 248 -59.23 22.17 13.53
N ASP C 249 -59.61 21.45 14.60
CA ASP C 249 -60.64 21.88 15.52
C ASP C 249 -60.15 21.89 16.97
N ALA C 250 -60.86 22.63 17.83
CA ALA C 250 -60.55 22.73 19.26
C ALA C 250 -61.80 22.92 20.11
N LEU C 251 -61.73 22.49 21.38
CA LEU C 251 -62.81 22.61 22.36
C LEU C 251 -62.22 22.90 23.73
N GLY C 252 -62.53 24.08 24.26
CA GLY C 252 -62.06 24.55 25.56
C GLY C 252 -63.09 24.48 26.68
N PRO C 253 -62.78 25.07 27.86
CA PRO C 253 -63.72 25.00 29.00
C PRO C 253 -65.05 25.74 28.84
N ASP C 254 -65.14 26.71 27.88
CA ASP C 254 -66.37 27.46 27.62
C ASP C 254 -67.40 26.68 26.80
N GLY C 255 -67.04 25.45 26.40
CA GLY C 255 -67.88 24.55 25.62
C GLY C 255 -68.10 24.96 24.17
N GLN C 256 -67.30 25.94 23.67
CA GLN C 256 -67.41 26.44 22.29
C GLN C 256 -66.46 25.72 21.35
N LEU C 257 -67.00 25.20 20.23
CA LEU C 257 -66.23 24.51 19.21
C LEU C 257 -65.58 25.53 18.30
N LEU C 258 -64.25 25.42 18.16
CA LEU C 258 -63.45 26.31 17.32
C LEU C 258 -62.92 25.52 16.15
N HIS C 259 -62.82 26.16 14.98
CA HIS C 259 -62.36 25.48 13.75
C HIS C 259 -61.63 26.42 12.84
N SER C 260 -60.63 25.87 12.14
CA SER C 260 -59.89 26.53 11.08
C SER C 260 -59.87 25.56 9.90
N ASP C 261 -60.17 26.07 8.70
CA ASP C 261 -60.07 25.25 7.49
C ASP C 261 -58.58 24.98 7.24
N ALA C 262 -58.28 23.91 6.50
CA ALA C 262 -56.90 23.61 6.14
C ALA C 262 -56.44 24.61 5.06
N PHE C 263 -55.13 24.78 4.90
CA PHE C 263 -54.58 25.66 3.88
C PHE C 263 -53.70 24.82 2.95
N PRO C 264 -54.26 23.88 2.15
CA PRO C 264 -53.43 23.02 1.31
C PRO C 264 -52.60 23.80 0.28
N PRO C 265 -51.35 23.33 0.03
CA PRO C 265 -50.51 24.02 -0.97
C PRO C 265 -50.99 23.75 -2.40
N PRO C 266 -50.46 24.41 -3.47
CA PRO C 266 -50.89 24.05 -4.84
C PRO C 266 -50.55 22.59 -5.17
N ARG C 267 -49.40 22.09 -4.65
CA ARG C 267 -48.93 20.72 -4.81
C ARG C 267 -48.44 20.15 -3.48
N VAL C 268 -49.15 19.14 -2.96
CA VAL C 268 -48.79 18.45 -1.72
C VAL C 268 -47.66 17.47 -2.10
N VAL C 269 -46.45 17.74 -1.62
CA VAL C 269 -45.28 16.92 -1.93
C VAL C 269 -44.76 16.11 -0.73
N ASP C 270 -44.84 16.68 0.48
CA ASP C 270 -44.32 15.99 1.67
C ASP C 270 -45.15 16.26 2.94
N THR C 271 -45.94 15.25 3.41
CA THR C 271 -46.75 15.38 4.62
C THR C 271 -46.04 14.84 5.86
N LEU C 272 -44.78 14.36 5.71
CA LEU C 272 -43.97 13.84 6.81
C LEU C 272 -43.55 14.99 7.73
N GLY C 273 -44.04 14.96 8.96
CA GLY C 273 -43.82 15.99 9.97
C GLY C 273 -44.88 17.08 10.01
N ALA C 274 -45.95 16.96 9.18
CA ALA C 274 -47.05 17.95 9.11
C ALA C 274 -47.78 18.10 10.45
N GLY C 275 -48.01 16.97 11.12
CA GLY C 275 -48.66 16.93 12.42
C GLY C 275 -47.87 17.68 13.48
N ASP C 276 -46.55 17.44 13.51
CA ASP C 276 -45.64 18.12 14.43
C ASP C 276 -45.54 19.62 14.16
N THR C 277 -45.56 20.01 12.86
CA THR C 277 -45.52 21.40 12.42
C THR C 277 -46.75 22.14 12.97
N PHE C 278 -47.93 21.47 12.95
CA PHE C 278 -49.19 21.98 13.49
C PHE C 278 -49.08 22.15 15.01
N ASN C 279 -48.64 21.09 15.72
CA ASN C 279 -48.50 21.10 17.18
C ASN C 279 -47.56 22.22 17.66
N ALA C 280 -46.37 22.34 17.03
CA ALA C 280 -45.35 23.34 17.35
C ALA C 280 -45.82 24.77 17.04
N SER C 281 -46.57 24.95 15.94
CA SER C 281 -47.11 26.26 15.55
C SER C 281 -48.22 26.70 16.53
N VAL C 282 -49.04 25.75 17.03
CA VAL C 282 -50.10 26.02 18.02
C VAL C 282 -49.45 26.42 19.35
N ILE C 283 -48.42 25.66 19.80
CA ILE C 283 -47.65 25.93 21.03
C ILE C 283 -47.03 27.33 20.93
N PHE C 284 -46.33 27.61 19.80
CA PHE C 284 -45.67 28.89 19.52
C PHE C 284 -46.64 30.06 19.64
N SER C 285 -47.77 29.96 18.93
CA SER C 285 -48.84 30.96 18.93
C SER C 285 -49.41 31.17 20.34
N LEU C 286 -49.77 30.08 21.05
CA LEU C 286 -50.30 30.16 22.42
C LEU C 286 -49.33 30.73 23.45
N SER C 287 -48.02 30.38 23.35
CA SER C 287 -46.96 30.88 24.24
C SER C 287 -46.72 32.40 24.06
N LYS C 288 -47.07 32.95 22.88
CA LYS C 288 -46.96 34.37 22.54
C LYS C 288 -48.21 35.17 22.98
N GLY C 289 -49.18 34.49 23.57
CA GLY C 289 -50.41 35.10 24.08
C GLY C 289 -51.57 35.19 23.12
N ASN C 290 -51.51 34.47 21.98
CA ASN C 290 -52.60 34.47 21.00
C ASN C 290 -53.75 33.58 21.51
N SER C 291 -54.97 33.83 21.01
CA SER C 291 -56.16 33.06 21.37
C SER C 291 -56.11 31.66 20.72
N MET C 292 -57.01 30.75 21.12
CA MET C 292 -57.08 29.40 20.55
C MET C 292 -57.47 29.43 19.07
N GLN C 293 -58.41 30.33 18.70
CA GLN C 293 -58.87 30.52 17.32
C GLN C 293 -57.72 30.98 16.41
N GLU C 294 -56.89 31.93 16.89
CA GLU C 294 -55.70 32.44 16.19
C GLU C 294 -54.62 31.34 16.07
N ALA C 295 -54.43 30.54 17.14
CA ALA C 295 -53.46 29.43 17.17
C ALA C 295 -53.85 28.32 16.18
N LEU C 296 -55.17 27.99 16.10
CA LEU C 296 -55.73 27.00 15.19
C LEU C 296 -55.46 27.39 13.74
N ARG C 297 -55.73 28.67 13.39
CA ARG C 297 -55.51 29.23 12.04
C ARG C 297 -54.03 29.18 11.67
N PHE C 298 -53.15 29.69 12.57
CA PHE C 298 -51.70 29.71 12.39
C PHE C 298 -51.12 28.31 12.19
N GLY C 299 -51.60 27.36 13.00
CA GLY C 299 -51.22 25.94 12.93
C GLY C 299 -51.51 25.35 11.56
N CYS C 300 -52.70 25.65 10.99
CA CYS C 300 -53.11 25.18 9.67
C CYS C 300 -52.30 25.86 8.55
N GLN C 301 -51.98 27.16 8.71
CA GLN C 301 -51.22 27.95 7.76
C GLN C 301 -49.79 27.43 7.61
N VAL C 302 -49.09 27.22 8.75
CA VAL C 302 -47.70 26.75 8.78
C VAL C 302 -47.59 25.28 8.30
N ALA C 303 -48.43 24.36 8.83
CA ALA C 303 -48.40 22.95 8.42
C ALA C 303 -48.83 22.78 6.96
N GLY C 304 -49.77 23.65 6.54
CA GLY C 304 -50.29 23.71 5.17
C GLY C 304 -49.17 24.02 4.20
N LYS C 305 -48.39 25.08 4.51
CA LYS C 305 -47.21 25.52 3.75
C LYS C 305 -46.14 24.41 3.71
N LYS C 306 -45.93 23.75 4.86
CA LYS C 306 -44.97 22.65 5.04
C LYS C 306 -45.28 21.47 4.10
N CYS C 307 -46.58 21.20 3.84
CA CYS C 307 -47.01 20.09 2.99
C CYS C 307 -46.63 20.23 1.52
N GLY C 308 -46.31 21.45 1.08
CA GLY C 308 -45.86 21.75 -0.27
C GLY C 308 -44.35 21.87 -0.41
N LEU C 309 -43.59 21.44 0.63
CA LEU C 309 -42.12 21.48 0.66
C LEU C 309 -41.50 20.17 1.17
N GLN C 310 -40.30 19.81 0.68
CA GLN C 310 -39.59 18.63 1.19
C GLN C 310 -38.86 19.11 2.45
N GLY C 311 -39.13 18.42 3.57
CA GLY C 311 -38.54 18.79 4.84
C GLY C 311 -39.24 19.98 5.51
N PHE C 312 -38.50 20.68 6.40
CA PHE C 312 -39.07 21.78 7.18
C PHE C 312 -38.58 23.18 6.81
N ASP C 313 -37.33 23.31 6.36
CA ASP C 313 -36.60 24.55 6.09
C ASP C 313 -37.33 25.67 5.31
N GLY C 314 -38.22 25.31 4.39
CA GLY C 314 -38.95 26.30 3.59
C GLY C 314 -40.14 27.01 4.22
N ILE C 315 -40.52 26.66 5.47
CA ILE C 315 -41.69 27.28 6.14
C ILE C 315 -41.48 28.77 6.46
N VAL C 316 -40.22 29.20 6.63
CA VAL C 316 -39.84 30.59 6.92
C VAL C 316 -38.81 31.11 5.91
N LYS D 22 61.12 -22.39 14.36
CA LYS D 22 61.30 -21.06 13.75
C LYS D 22 60.22 -20.76 12.73
N GLN D 23 59.89 -19.47 12.57
CA GLN D 23 58.86 -19.04 11.64
C GLN D 23 59.40 -18.57 10.31
N ILE D 24 58.49 -18.35 9.36
CA ILE D 24 58.77 -17.78 8.05
C ILE D 24 58.11 -16.39 8.08
N LEU D 25 58.91 -15.33 7.93
CA LEU D 25 58.42 -13.96 7.92
C LEU D 25 58.22 -13.47 6.48
N CYS D 26 57.05 -12.90 6.20
CA CYS D 26 56.71 -12.28 4.92
C CYS D 26 56.48 -10.80 5.20
N VAL D 27 57.29 -9.95 4.55
CA VAL D 27 57.26 -8.48 4.67
C VAL D 27 56.61 -7.97 3.41
N GLY D 28 55.59 -7.13 3.57
CA GLY D 28 54.92 -6.55 2.43
C GLY D 28 53.57 -5.95 2.70
N LEU D 29 52.68 -6.12 1.73
CA LEU D 29 51.35 -5.53 1.73
C LEU D 29 50.22 -6.44 2.20
N VAL D 30 49.28 -5.84 2.96
CA VAL D 30 48.01 -6.41 3.42
C VAL D 30 46.89 -5.52 2.89
N VAL D 31 46.00 -6.10 2.08
CA VAL D 31 44.91 -5.37 1.43
C VAL D 31 43.54 -5.96 1.81
N LEU D 32 42.50 -5.12 1.85
CA LEU D 32 41.14 -5.61 2.01
C LEU D 32 40.69 -5.84 0.56
N ASP D 33 40.59 -7.09 0.09
CA ASP D 33 40.14 -7.41 -1.27
C ASP D 33 38.62 -7.60 -1.29
N ILE D 34 37.89 -6.70 -1.96
CA ILE D 34 36.44 -6.86 -2.15
C ILE D 34 36.35 -7.48 -3.52
N ILE D 35 35.97 -8.76 -3.55
CA ILE D 35 35.95 -9.57 -4.76
C ILE D 35 34.54 -9.85 -5.25
N ASN D 36 34.26 -9.42 -6.49
CA ASN D 36 32.99 -9.69 -7.14
C ASN D 36 33.23 -10.73 -8.23
N VAL D 37 32.52 -11.89 -8.13
CA VAL D 37 32.56 -12.93 -9.15
C VAL D 37 31.48 -12.58 -10.19
N VAL D 38 31.82 -12.61 -11.47
CA VAL D 38 30.92 -12.28 -12.57
C VAL D 38 30.97 -13.38 -13.63
N ASP D 39 29.87 -13.53 -14.41
CA ASP D 39 29.70 -14.50 -15.50
C ASP D 39 30.35 -14.04 -16.80
N LYS D 40 30.49 -12.72 -16.97
CA LYS D 40 31.07 -12.06 -18.15
C LYS D 40 31.79 -10.82 -17.67
N TYR D 41 32.91 -10.46 -18.32
CA TYR D 41 33.59 -9.22 -17.97
C TYR D 41 32.68 -8.00 -18.31
N PRO D 42 32.43 -7.06 -17.37
CA PRO D 42 31.53 -5.96 -17.67
C PRO D 42 32.04 -4.98 -18.72
N GLU D 43 31.12 -4.55 -19.59
CA GLU D 43 31.35 -3.55 -20.61
C GLU D 43 31.29 -2.20 -19.85
N GLU D 44 32.11 -1.22 -20.28
CA GLU D 44 32.18 0.15 -19.77
C GLU D 44 30.75 0.74 -19.73
N ASP D 45 30.34 1.33 -18.58
CA ASP D 45 29.06 2.02 -18.34
C ASP D 45 27.82 1.12 -18.22
N THR D 46 28.01 -0.14 -17.87
CA THR D 46 26.87 -1.06 -17.70
C THR D 46 26.65 -1.37 -16.23
N ASP D 47 25.50 -1.95 -15.92
CA ASP D 47 25.14 -2.39 -14.57
C ASP D 47 24.92 -3.88 -14.59
N ARG D 48 25.54 -4.58 -13.63
CA ARG D 48 25.40 -6.02 -13.50
C ARG D 48 25.31 -6.38 -12.04
N ARG D 49 24.80 -7.57 -11.78
CA ARG D 49 24.74 -8.17 -10.47
C ARG D 49 25.87 -9.17 -10.43
N CYS D 50 26.55 -9.27 -9.31
CA CYS D 50 27.61 -10.27 -9.14
C CYS D 50 26.95 -11.63 -8.94
N LEU D 51 27.70 -12.71 -9.19
CA LEU D 51 27.27 -14.07 -8.94
C LEU D 51 27.43 -14.25 -7.41
N SER D 52 28.52 -13.68 -6.87
CA SER D 52 28.86 -13.63 -5.44
C SER D 52 29.81 -12.48 -5.15
N GLN D 53 29.83 -12.04 -3.89
CA GLN D 53 30.75 -11.02 -3.41
C GLN D 53 31.33 -11.47 -2.07
N ARG D 54 32.66 -11.33 -1.92
CA ARG D 54 33.36 -11.67 -0.69
C ARG D 54 34.41 -10.62 -0.34
N TRP D 55 34.60 -10.43 0.96
CA TRP D 55 35.59 -9.50 1.53
C TRP D 55 36.70 -10.43 2.03
N GLN D 56 37.79 -10.52 1.27
CA GLN D 56 38.90 -11.43 1.49
C GLN D 56 40.19 -10.68 1.83
N ARG D 57 41.00 -11.22 2.76
CA ARG D 57 42.29 -10.59 3.07
C ARG D 57 43.27 -10.89 1.93
N GLY D 58 43.91 -9.84 1.41
CA GLY D 58 44.82 -9.95 0.27
C GLY D 58 46.11 -9.21 0.46
N GLY D 59 46.80 -8.96 -0.64
CA GLY D 59 48.11 -8.35 -0.70
C GLY D 59 49.09 -9.48 -0.84
N ASN D 60 50.07 -9.38 -1.78
CA ASN D 60 51.03 -10.44 -2.08
C ASN D 60 51.63 -11.15 -0.85
N ALA D 61 52.39 -10.43 0.00
CA ALA D 61 53.01 -11.02 1.19
C ALA D 61 51.97 -11.66 2.14
N SER D 62 50.80 -10.98 2.29
CA SER D 62 49.67 -11.44 3.11
C SER D 62 49.09 -12.76 2.56
N ASN D 63 48.91 -12.86 1.23
CA ASN D 63 48.43 -14.06 0.55
C ASN D 63 49.43 -15.22 0.69
N SER D 64 50.75 -14.94 0.72
CA SER D 64 51.79 -15.96 0.90
C SER D 64 51.69 -16.55 2.30
N CYS D 65 51.31 -15.72 3.29
CA CYS D 65 51.08 -16.17 4.67
C CYS D 65 49.91 -17.15 4.74
N THR D 66 48.78 -16.83 4.04
CA THR D 66 47.58 -17.68 3.93
C THR D 66 47.98 -19.09 3.44
N VAL D 67 48.73 -19.16 2.31
CA VAL D 67 49.20 -20.40 1.67
C VAL D 67 50.16 -21.17 2.59
N LEU D 68 51.19 -20.48 3.15
CA LEU D 68 52.18 -21.09 4.07
C LEU D 68 51.52 -21.71 5.28
N SER D 69 50.50 -21.03 5.85
CA SER D 69 49.72 -21.53 6.98
C SER D 69 48.84 -22.73 6.56
N LEU D 70 48.31 -22.70 5.32
CA LEU D 70 47.50 -23.80 4.79
C LEU D 70 48.38 -25.03 4.54
N LEU D 71 49.64 -24.80 4.13
CA LEU D 71 50.63 -25.83 3.88
C LEU D 71 51.21 -26.42 5.17
N GLY D 72 50.95 -25.77 6.30
CA GLY D 72 51.38 -26.26 7.61
C GLY D 72 52.61 -25.60 8.22
N ALA D 73 53.12 -24.55 7.57
CA ALA D 73 54.29 -23.83 8.08
C ALA D 73 53.84 -22.73 9.05
N ARG D 74 54.64 -22.50 10.12
CA ARG D 74 54.41 -21.43 11.08
C ARG D 74 54.94 -20.15 10.42
N CYS D 75 54.07 -19.18 10.17
CA CYS D 75 54.53 -17.97 9.50
C CYS D 75 54.03 -16.69 10.19
N ALA D 76 54.69 -15.57 9.88
CA ALA D 76 54.40 -14.27 10.47
C ALA D 76 54.34 -13.22 9.40
N PHE D 77 53.55 -12.16 9.65
CA PHE D 77 53.38 -11.07 8.70
C PHE D 77 53.90 -9.76 9.25
N MET D 78 54.62 -9.04 8.40
CA MET D 78 55.11 -7.70 8.73
C MET D 78 54.65 -6.78 7.62
N GLY D 79 53.78 -5.86 8.00
CA GLY D 79 53.22 -4.87 7.09
C GLY D 79 52.47 -3.81 7.85
N SER D 80 52.07 -2.74 7.16
CA SER D 80 51.36 -1.65 7.80
C SER D 80 49.84 -1.81 7.80
N LEU D 81 49.19 -1.30 8.84
CA LEU D 81 47.75 -1.24 9.00
C LEU D 81 47.43 0.04 9.74
N ALA D 82 46.27 0.64 9.42
CA ALA D 82 45.77 1.81 10.11
C ALA D 82 44.60 1.34 10.99
N PRO D 83 44.44 1.80 12.26
CA PRO D 83 43.29 1.33 13.05
C PRO D 83 41.95 1.69 12.41
N GLY D 84 41.00 0.77 12.55
CA GLY D 84 39.65 0.86 12.03
C GLY D 84 38.99 -0.50 11.95
N HIS D 85 37.72 -0.56 11.49
CA HIS D 85 36.98 -1.81 11.34
C HIS D 85 37.58 -2.74 10.29
N VAL D 86 38.21 -2.17 9.26
CA VAL D 86 38.86 -2.92 8.18
C VAL D 86 40.08 -3.68 8.73
N ALA D 87 40.99 -2.98 9.45
CA ALA D 87 42.18 -3.58 10.06
C ALA D 87 41.82 -4.68 11.07
N ASP D 88 40.73 -4.48 11.87
CA ASP D 88 40.24 -5.45 12.86
C ASP D 88 39.84 -6.76 12.19
N PHE D 89 39.15 -6.67 11.04
CA PHE D 89 38.72 -7.80 10.22
C PHE D 89 39.95 -8.53 9.63
N LEU D 90 40.91 -7.76 9.07
CA LEU D 90 42.13 -8.31 8.48
C LEU D 90 43.00 -9.05 9.52
N VAL D 91 43.15 -8.44 10.73
CA VAL D 91 43.88 -9.02 11.86
C VAL D 91 43.15 -10.28 12.35
N ALA D 92 41.79 -10.22 12.46
CA ALA D 92 40.99 -11.37 12.90
C ALA D 92 41.12 -12.54 11.91
N ASP D 93 41.26 -12.23 10.60
CA ASP D 93 41.44 -13.25 9.56
C ASP D 93 42.83 -13.90 9.67
N PHE D 94 43.89 -13.06 9.84
CA PHE D 94 45.27 -13.52 10.03
C PHE D 94 45.37 -14.47 11.23
N ARG D 95 44.76 -14.07 12.37
CA ARG D 95 44.73 -14.81 13.62
C ARG D 95 44.03 -16.15 13.50
N GLN D 96 42.87 -16.18 12.79
CA GLN D 96 42.11 -17.40 12.56
C GLN D 96 42.93 -18.40 11.72
N ARG D 97 43.82 -17.88 10.86
CA ARG D 97 44.69 -18.70 10.01
C ARG D 97 46.03 -19.04 10.69
N GLY D 98 46.21 -18.56 11.93
CA GLY D 98 47.42 -18.79 12.73
C GLY D 98 48.66 -18.07 12.24
N VAL D 99 48.47 -16.92 11.58
CA VAL D 99 49.57 -16.09 11.09
C VAL D 99 49.84 -15.11 12.23
N ASP D 100 51.10 -15.04 12.66
CA ASP D 100 51.58 -14.16 13.73
C ASP D 100 51.53 -12.72 13.23
N VAL D 101 50.88 -11.82 13.99
CA VAL D 101 50.71 -10.41 13.59
C VAL D 101 51.46 -9.41 14.52
N SER D 102 52.39 -9.92 15.36
CA SER D 102 53.15 -9.10 16.30
C SER D 102 54.10 -8.07 15.65
N GLN D 103 54.50 -8.29 14.38
CA GLN D 103 55.42 -7.40 13.65
C GLN D 103 54.68 -6.38 12.77
N VAL D 104 53.33 -6.33 12.86
CA VAL D 104 52.50 -5.37 12.13
C VAL D 104 52.91 -3.94 12.57
N THR D 105 53.12 -3.04 11.60
CA THR D 105 53.47 -1.65 11.88
C THR D 105 52.19 -0.83 11.84
N TRP D 106 51.62 -0.56 13.02
CA TRP D 106 50.40 0.25 13.13
C TRP D 106 50.68 1.72 12.84
N GLN D 107 49.87 2.30 11.97
CA GLN D 107 50.02 3.69 11.53
C GLN D 107 48.89 4.54 12.07
N SER D 108 49.24 5.53 12.92
CA SER D 108 48.30 6.48 13.53
C SER D 108 47.54 7.30 12.48
N GLN D 109 48.17 7.53 11.32
CA GLN D 109 47.63 8.28 10.20
C GLN D 109 47.59 7.43 8.94
N GLY D 110 46.57 7.65 8.13
CA GLY D 110 46.45 6.94 6.87
C GLY D 110 45.30 5.96 6.77
N ASP D 111 45.23 5.27 5.61
CA ASP D 111 44.17 4.33 5.27
C ASP D 111 44.69 2.99 4.90
N THR D 112 44.07 1.95 5.45
CA THR D 112 44.35 0.55 5.17
C THR D 112 44.06 0.31 3.67
N PRO D 113 44.99 -0.29 2.89
CA PRO D 113 44.75 -0.50 1.46
C PRO D 113 43.53 -1.32 1.15
N CYS D 114 42.83 -0.94 0.08
CA CYS D 114 41.61 -1.63 -0.35
C CYS D 114 41.58 -1.76 -1.85
N SER D 115 41.30 -2.96 -2.32
CA SER D 115 41.18 -3.19 -3.75
C SER D 115 39.80 -3.71 -4.09
N CYS D 116 39.34 -3.39 -5.29
CA CYS D 116 38.11 -3.94 -5.80
C CYS D 116 38.53 -4.85 -6.92
N CYS D 117 38.16 -6.12 -6.79
CA CYS D 117 38.54 -7.14 -7.75
C CYS D 117 37.34 -7.71 -8.48
N ILE D 118 37.49 -7.88 -9.79
CA ILE D 118 36.47 -8.48 -10.64
C ILE D 118 37.04 -9.84 -11.05
N VAL D 119 36.41 -10.92 -10.58
CA VAL D 119 36.77 -12.30 -10.92
C VAL D 119 35.77 -12.82 -11.94
N ASN D 120 36.25 -13.17 -13.14
CA ASN D 120 35.37 -13.69 -14.17
C ASN D 120 35.40 -15.20 -14.06
N ASN D 121 34.25 -15.79 -13.66
CA ASN D 121 34.00 -17.21 -13.44
C ASN D 121 34.22 -18.06 -14.70
N SER D 122 33.98 -17.49 -15.89
CA SER D 122 34.06 -18.14 -17.20
C SER D 122 35.48 -18.44 -17.70
N ASN D 123 36.50 -17.73 -17.19
CA ASN D 123 37.89 -17.92 -17.62
C ASN D 123 38.91 -17.78 -16.49
N GLY D 124 38.45 -17.43 -15.29
CA GLY D 124 39.33 -17.27 -14.13
C GLY D 124 40.09 -15.96 -14.02
N SER D 125 39.85 -15.04 -14.95
CA SER D 125 40.52 -13.75 -14.96
C SER D 125 40.25 -12.92 -13.70
N ARG D 126 41.21 -12.08 -13.35
CA ARG D 126 41.08 -11.16 -12.23
C ARG D 126 41.53 -9.78 -12.64
N THR D 127 40.64 -8.79 -12.47
CA THR D 127 40.88 -7.39 -12.80
C THR D 127 40.87 -6.65 -11.48
N ILE D 128 42.01 -6.06 -11.11
CA ILE D 128 42.19 -5.38 -9.83
C ILE D 128 42.37 -3.86 -9.97
N ILE D 129 41.63 -3.11 -9.15
CA ILE D 129 41.76 -1.67 -8.99
C ILE D 129 42.13 -1.47 -7.52
N LEU D 130 43.37 -1.05 -7.28
CA LEU D 130 43.92 -0.92 -5.95
C LEU D 130 44.10 0.51 -5.46
N TYR D 131 43.79 0.72 -4.18
CA TYR D 131 43.99 1.95 -3.43
C TYR D 131 44.98 1.55 -2.32
N ASP D 132 46.26 1.95 -2.45
CA ASP D 132 47.31 1.60 -1.49
C ASP D 132 48.30 2.75 -1.30
N THR D 133 47.92 3.96 -1.77
CA THR D 133 48.76 5.14 -1.78
C THR D 133 48.70 6.03 -0.53
N ASN D 134 47.84 5.71 0.46
CA ASN D 134 47.75 6.55 1.65
C ASN D 134 48.10 5.83 2.97
N LEU D 135 49.21 5.09 2.98
CA LEU D 135 49.67 4.39 4.17
C LEU D 135 51.20 4.30 4.24
N PRO D 136 51.84 4.80 5.32
CA PRO D 136 53.31 4.68 5.39
C PRO D 136 53.76 3.22 5.37
N ASP D 137 54.82 2.95 4.62
CA ASP D 137 55.39 1.61 4.48
C ASP D 137 56.23 1.25 5.69
N VAL D 138 56.56 -0.05 5.81
CA VAL D 138 57.45 -0.57 6.85
C VAL D 138 58.81 0.06 6.56
N SER D 139 59.40 0.71 7.56
CA SER D 139 60.69 1.35 7.40
C SER D 139 61.81 0.39 7.80
N ALA D 140 63.06 0.75 7.45
CA ALA D 140 64.26 -0.02 7.82
C ALA D 140 64.41 0.06 9.35
N LYS D 141 64.01 1.21 9.92
CA LYS D 141 63.99 1.48 11.37
C LYS D 141 63.02 0.52 12.07
N ASP D 142 61.81 0.29 11.48
CA ASP D 142 60.82 -0.69 11.99
C ASP D 142 61.41 -2.10 11.94
N PHE D 143 62.07 -2.44 10.82
CA PHE D 143 62.66 -3.77 10.64
C PHE D 143 63.82 -4.05 11.61
N GLU D 144 64.51 -2.99 12.08
CA GLU D 144 65.61 -3.11 13.04
C GLU D 144 65.21 -3.78 14.37
N LYS D 145 63.92 -3.74 14.70
CA LYS D 145 63.33 -4.31 15.93
C LYS D 145 63.04 -5.81 15.80
N VAL D 146 63.05 -6.34 14.56
CA VAL D 146 62.80 -7.76 14.26
C VAL D 146 63.94 -8.61 14.81
N ASP D 147 63.58 -9.65 15.59
CA ASP D 147 64.53 -10.60 16.16
C ASP D 147 64.75 -11.66 15.07
N LEU D 148 65.91 -11.58 14.38
CA LEU D 148 66.21 -12.47 13.25
C LEU D 148 66.40 -13.94 13.64
N THR D 149 66.66 -14.22 14.96
CA THR D 149 66.81 -15.59 15.47
C THR D 149 65.49 -16.37 15.51
N ARG D 150 64.34 -15.66 15.45
CA ARG D 150 62.98 -16.24 15.44
C ARG D 150 62.65 -16.83 14.08
N PHE D 151 63.37 -16.40 13.04
CA PHE D 151 63.02 -16.76 11.66
C PHE D 151 64.09 -17.57 10.92
N LYS D 152 63.63 -18.61 10.19
CA LYS D 152 64.48 -19.46 9.35
C LYS D 152 64.43 -18.98 7.88
N TRP D 153 63.35 -18.25 7.54
CA TRP D 153 63.14 -17.69 6.21
C TRP D 153 62.47 -16.34 6.30
N ILE D 154 63.00 -15.36 5.51
CA ILE D 154 62.42 -14.03 5.38
C ILE D 154 62.18 -13.75 3.90
N HIS D 155 60.91 -13.53 3.54
CA HIS D 155 60.48 -13.23 2.20
C HIS D 155 60.08 -11.76 2.14
N ILE D 156 60.66 -11.00 1.20
CA ILE D 156 60.33 -9.60 1.08
C ILE D 156 59.58 -9.31 -0.23
N GLU D 157 58.37 -8.76 -0.10
CA GLU D 157 57.56 -8.31 -1.21
C GLU D 157 58.09 -6.93 -1.60
N GLY D 158 58.74 -6.85 -2.76
CA GLY D 158 59.31 -5.63 -3.31
C GLY D 158 58.30 -4.50 -3.40
N ARG D 159 58.55 -3.39 -2.68
CA ARG D 159 57.67 -2.23 -2.63
C ARG D 159 58.48 -0.92 -2.53
N ASN D 160 58.91 -0.52 -1.31
CA ASN D 160 59.71 0.68 -1.06
C ASN D 160 61.18 0.18 -1.02
N ALA D 161 61.72 -0.06 -2.23
CA ALA D 161 63.03 -0.64 -2.49
C ALA D 161 64.18 -0.04 -1.69
N SER D 162 64.31 1.30 -1.63
CA SER D 162 65.41 1.95 -0.91
C SER D 162 65.45 1.59 0.58
N GLU D 163 64.26 1.52 1.23
CA GLU D 163 64.17 1.11 2.64
C GLU D 163 64.38 -0.39 2.79
N GLN D 164 63.78 -1.19 1.87
CA GLN D 164 63.89 -2.66 1.89
C GLN D 164 65.32 -3.13 1.65
N VAL D 165 66.13 -2.36 0.88
CA VAL D 165 67.56 -2.64 0.66
C VAL D 165 68.30 -2.65 2.02
N LYS D 166 68.00 -1.67 2.89
CA LYS D 166 68.58 -1.57 4.24
C LYS D 166 68.16 -2.78 5.10
N MET D 167 66.90 -3.24 4.95
CA MET D 167 66.36 -4.40 5.65
C MET D 167 67.12 -5.68 5.22
N LEU D 168 67.46 -5.77 3.93
CA LEU D 168 68.20 -6.89 3.32
C LEU D 168 69.66 -6.90 3.74
N GLN D 169 70.24 -5.68 3.92
CA GLN D 169 71.61 -5.49 4.40
C GLN D 169 71.71 -5.90 5.85
N ARG D 170 70.64 -5.65 6.65
CA ARG D 170 70.61 -6.04 8.06
C ARG D 170 70.68 -7.56 8.21
N ILE D 171 69.92 -8.31 7.38
CA ILE D 171 69.91 -9.78 7.37
C ILE D 171 71.28 -10.33 6.97
N GLU D 172 71.94 -9.69 5.98
CA GLU D 172 73.28 -10.06 5.49
C GLU D 172 74.32 -9.94 6.61
N GLU D 173 74.27 -8.82 7.37
CA GLU D 173 75.17 -8.56 8.51
C GLU D 173 74.94 -9.63 9.57
N HIS D 174 73.66 -9.90 9.89
CA HIS D 174 73.28 -10.93 10.85
C HIS D 174 73.88 -12.29 10.43
N ASN D 175 73.50 -12.79 9.23
CA ASN D 175 73.92 -14.06 8.65
C ASN D 175 75.43 -14.32 8.64
N ALA D 176 76.26 -13.26 8.43
CA ALA D 176 77.72 -13.34 8.42
C ALA D 176 78.33 -13.73 9.78
N LYS D 177 77.56 -13.48 10.87
CA LYS D 177 77.96 -13.78 12.25
C LYS D 177 77.36 -15.13 12.68
N GLN D 178 76.62 -15.79 11.78
CA GLN D 178 75.93 -17.05 12.05
C GLN D 178 76.53 -18.27 11.33
N PRO D 179 76.52 -19.46 11.99
CA PRO D 179 76.92 -20.69 11.27
C PRO D 179 75.81 -21.09 10.28
N LEU D 180 76.17 -21.92 9.28
CA LEU D 180 75.26 -22.40 8.22
C LEU D 180 73.83 -22.79 8.72
N PRO D 181 73.59 -23.63 9.77
CA PRO D 181 72.19 -23.93 10.14
C PRO D 181 71.43 -22.77 10.81
N GLN D 182 72.15 -21.72 11.26
CA GLN D 182 71.58 -20.54 11.91
C GLN D 182 71.38 -19.36 10.96
N LYS D 183 71.75 -19.52 9.68
CA LYS D 183 71.57 -18.48 8.68
C LYS D 183 70.10 -18.40 8.28
N VAL D 184 69.58 -17.15 8.16
CA VAL D 184 68.20 -16.89 7.75
C VAL D 184 68.17 -16.91 6.22
N ARG D 185 67.31 -17.78 5.64
CA ARG D 185 67.18 -17.83 4.18
C ARG D 185 66.35 -16.65 3.70
N VAL D 186 66.75 -16.04 2.58
CA VAL D 186 66.09 -14.84 2.09
C VAL D 186 65.60 -14.98 0.65
N SER D 187 64.34 -14.59 0.41
CA SER D 187 63.76 -14.52 -0.92
C SER D 187 63.16 -13.12 -1.12
N VAL D 188 63.10 -12.67 -2.37
CA VAL D 188 62.57 -11.36 -2.73
C VAL D 188 61.64 -11.53 -3.94
N GLU D 189 60.52 -10.81 -3.99
CA GLU D 189 59.63 -10.84 -5.14
C GLU D 189 59.59 -9.46 -5.84
N ILE D 190 59.91 -9.45 -7.15
CA ILE D 190 59.87 -8.30 -8.06
C ILE D 190 58.63 -8.58 -8.95
N GLU D 191 57.42 -8.19 -8.50
CA GLU D 191 56.20 -8.51 -9.26
C GLU D 191 55.60 -7.35 -10.06
N LYS D 192 55.85 -6.09 -9.66
CA LYS D 192 55.36 -4.88 -10.32
C LYS D 192 56.42 -4.29 -11.25
N PRO D 193 56.09 -3.90 -12.51
CA PRO D 193 57.13 -3.35 -13.42
C PRO D 193 57.55 -1.90 -13.13
N ARG D 194 57.93 -1.64 -11.86
CA ARG D 194 58.42 -0.35 -11.39
C ARG D 194 59.93 -0.39 -11.37
N GLU D 195 60.57 0.63 -11.95
CA GLU D 195 62.02 0.85 -12.07
C GLU D 195 62.76 0.72 -10.72
N GLU D 196 62.21 1.34 -9.65
CA GLU D 196 62.75 1.34 -8.27
C GLU D 196 63.06 -0.07 -7.77
N LEU D 197 62.17 -1.04 -8.04
CA LEU D 197 62.29 -2.45 -7.63
C LEU D 197 63.51 -3.20 -8.19
N PHE D 198 64.06 -2.76 -9.35
CA PHE D 198 65.16 -3.44 -10.03
C PHE D 198 66.46 -3.51 -9.19
N GLN D 199 66.61 -2.66 -8.15
CA GLN D 199 67.76 -2.69 -7.25
C GLN D 199 67.68 -3.89 -6.27
N LEU D 200 66.47 -4.48 -6.11
CA LEU D 200 66.20 -5.63 -5.24
C LEU D 200 66.64 -6.97 -5.82
N PHE D 201 66.91 -7.03 -7.16
CA PHE D 201 67.38 -8.24 -7.84
C PHE D 201 68.70 -8.76 -7.23
N SER D 202 69.54 -7.82 -6.72
CA SER D 202 70.87 -8.03 -6.13
C SER D 202 70.86 -8.70 -4.73
N TYR D 203 69.69 -8.89 -4.13
CA TYR D 203 69.53 -9.46 -2.79
C TYR D 203 68.70 -10.73 -2.79
N GLY D 204 68.96 -11.58 -1.78
CA GLY D 204 68.26 -12.85 -1.58
C GLY D 204 68.89 -14.03 -2.29
N GLU D 205 68.67 -15.24 -1.75
CA GLU D 205 69.14 -16.50 -2.33
C GLU D 205 68.16 -16.95 -3.44
N VAL D 206 66.89 -16.50 -3.35
CA VAL D 206 65.84 -16.81 -4.31
C VAL D 206 65.16 -15.49 -4.69
N VAL D 207 65.09 -15.20 -5.99
CA VAL D 207 64.46 -13.98 -6.50
C VAL D 207 63.32 -14.41 -7.43
N PHE D 208 62.10 -13.99 -7.11
CA PHE D 208 60.92 -14.26 -7.94
C PHE D 208 60.68 -13.04 -8.83
N VAL D 209 60.61 -13.27 -10.15
CA VAL D 209 60.30 -12.22 -11.11
C VAL D 209 59.03 -12.62 -11.85
N SER D 210 58.03 -11.73 -11.88
CA SER D 210 56.75 -12.03 -12.52
C SER D 210 56.83 -11.99 -14.05
N LYS D 211 55.85 -12.64 -14.70
CA LYS D 211 55.67 -12.65 -16.16
C LYS D 211 55.43 -11.19 -16.61
N ASP D 212 54.66 -10.40 -15.80
CA ASP D 212 54.34 -8.98 -16.02
C ASP D 212 55.61 -8.12 -16.12
N VAL D 213 56.56 -8.26 -15.14
CA VAL D 213 57.85 -7.55 -15.13
C VAL D 213 58.65 -7.95 -16.37
N ALA D 214 58.76 -9.26 -16.65
CA ALA D 214 59.50 -9.81 -17.79
C ALA D 214 58.99 -9.29 -19.13
N LYS D 215 57.65 -9.30 -19.32
CA LYS D 215 57.00 -8.82 -20.56
C LYS D 215 57.21 -7.32 -20.77
N HIS D 216 57.22 -6.55 -19.68
CA HIS D 216 57.47 -5.10 -19.70
C HIS D 216 58.94 -4.80 -20.08
N LEU D 217 59.88 -5.71 -19.72
CA LEU D 217 61.29 -5.55 -20.05
C LEU D 217 61.62 -6.04 -21.47
N GLY D 218 60.60 -6.60 -22.15
CA GLY D 218 60.70 -7.08 -23.53
C GLY D 218 60.76 -8.58 -23.72
N PHE D 219 60.83 -9.34 -22.62
CA PHE D 219 60.94 -10.81 -22.67
C PHE D 219 59.61 -11.48 -23.05
N GLN D 220 59.68 -12.44 -23.99
CA GLN D 220 58.50 -13.15 -24.50
C GLN D 220 58.32 -14.58 -23.91
N SER D 221 59.28 -15.04 -23.08
CA SER D 221 59.24 -16.34 -22.42
C SER D 221 60.02 -16.29 -21.11
N ALA D 222 59.80 -17.28 -20.21
CA ALA D 222 60.49 -17.35 -18.91
C ALA D 222 62.00 -17.62 -19.08
N VAL D 223 62.39 -18.52 -20.02
CA VAL D 223 63.80 -18.85 -20.32
C VAL D 223 64.55 -17.58 -20.77
N GLU D 224 63.92 -16.78 -21.68
CA GLU D 224 64.46 -15.51 -22.20
C GLU D 224 64.70 -14.54 -21.05
N ALA D 225 63.70 -14.41 -20.16
CA ALA D 225 63.70 -13.56 -18.97
C ALA D 225 64.80 -13.94 -17.97
N LEU D 226 65.01 -15.24 -17.76
CA LEU D 226 66.02 -15.77 -16.83
C LEU D 226 67.43 -15.49 -17.33
N ARG D 227 67.67 -15.72 -18.64
CA ARG D 227 68.97 -15.49 -19.28
C ARG D 227 69.30 -13.99 -19.31
N GLY D 228 68.29 -13.17 -19.54
CA GLY D 228 68.40 -11.72 -19.62
C GLY D 228 68.56 -11.01 -18.28
N LEU D 229 68.05 -11.60 -17.19
CA LEU D 229 68.11 -11.00 -15.85
C LEU D 229 69.04 -11.70 -14.83
N TYR D 230 69.60 -12.88 -15.17
CA TYR D 230 70.47 -13.59 -14.22
C TYR D 230 71.68 -12.76 -13.73
N SER D 231 72.31 -11.98 -14.64
CA SER D 231 73.47 -11.13 -14.27
C SER D 231 73.16 -10.16 -13.11
N ARG D 232 71.87 -9.86 -12.86
CA ARG D 232 71.40 -8.96 -11.80
C ARG D 232 71.38 -9.57 -10.40
N VAL D 233 71.20 -10.91 -10.29
CA VAL D 233 71.08 -11.58 -8.98
C VAL D 233 72.43 -11.72 -8.26
N LYS D 234 72.38 -11.96 -6.93
CA LYS D 234 73.53 -12.15 -6.03
C LYS D 234 74.30 -13.40 -6.46
N LYS D 235 75.62 -13.46 -6.17
CA LYS D 235 76.43 -14.64 -6.49
C LYS D 235 75.88 -15.83 -5.68
N GLY D 236 75.54 -16.91 -6.37
CA GLY D 236 74.98 -18.11 -5.75
C GLY D 236 73.47 -18.14 -5.65
N ALA D 237 72.80 -17.05 -6.10
CA ALA D 237 71.33 -16.93 -6.06
C ALA D 237 70.61 -17.60 -7.23
N THR D 238 69.33 -17.96 -7.02
CA THR D 238 68.49 -18.59 -8.04
C THR D 238 67.35 -17.65 -8.43
N LEU D 239 67.21 -17.39 -9.74
CA LEU D 239 66.17 -16.54 -10.32
C LEU D 239 64.99 -17.43 -10.78
N VAL D 240 63.79 -17.13 -10.28
CA VAL D 240 62.57 -17.90 -10.53
C VAL D 240 61.54 -17.05 -11.29
N CYS D 241 60.97 -17.61 -12.37
CA CYS D 241 59.96 -16.95 -13.16
C CYS D 241 58.80 -17.88 -13.55
N ALA D 242 57.59 -17.61 -13.00
CA ALA D 242 56.38 -18.36 -13.36
C ALA D 242 55.78 -17.65 -14.59
N TRP D 243 55.39 -18.43 -15.62
CA TRP D 243 54.82 -17.91 -16.88
C TRP D 243 53.37 -18.41 -17.10
N ALA D 244 52.54 -18.39 -16.03
CA ALA D 244 51.13 -18.81 -16.00
C ALA D 244 50.89 -20.22 -16.57
N GLU D 245 50.11 -20.34 -17.67
CA GLU D 245 49.79 -21.63 -18.33
C GLU D 245 51.02 -22.29 -19.00
N GLU D 246 52.13 -21.55 -19.17
CA GLU D 246 53.37 -22.10 -19.75
C GLU D 246 54.23 -22.79 -18.67
N GLY D 247 53.77 -22.73 -17.41
CA GLY D 247 54.45 -23.31 -16.28
C GLY D 247 55.33 -22.34 -15.52
N ALA D 248 56.45 -22.82 -14.99
CA ALA D 248 57.41 -22.02 -14.24
C ALA D 248 58.82 -22.49 -14.45
N ASP D 249 59.75 -21.55 -14.53
CA ASP D 249 61.16 -21.82 -14.79
C ASP D 249 62.07 -21.24 -13.72
N ALA D 250 63.30 -21.76 -13.63
CA ALA D 250 64.32 -21.30 -12.68
C ALA D 250 65.72 -21.43 -13.24
N LEU D 251 66.64 -20.57 -12.77
CA LEU D 251 68.06 -20.57 -13.15
C LEU D 251 68.91 -20.26 -11.91
N GLY D 252 69.74 -21.22 -11.52
CA GLY D 252 70.63 -21.13 -10.36
C GLY D 252 72.09 -20.91 -10.71
N PRO D 253 73.00 -20.97 -9.70
CA PRO D 253 74.43 -20.71 -9.97
C PRO D 253 75.15 -21.72 -10.87
N ASP D 254 74.59 -22.95 -11.04
CA ASP D 254 75.19 -23.98 -11.91
C ASP D 254 74.94 -23.73 -13.41
N GLY D 255 74.18 -22.67 -13.71
CA GLY D 255 73.82 -22.26 -15.06
C GLY D 255 72.84 -23.18 -15.78
N GLN D 256 72.19 -24.09 -15.04
CA GLN D 256 71.22 -25.04 -15.59
C GLN D 256 69.80 -24.51 -15.51
N LEU D 257 69.08 -24.52 -16.65
CA LEU D 257 67.70 -24.07 -16.73
C LEU D 257 66.79 -25.18 -16.24
N LEU D 258 65.95 -24.88 -15.25
CA LEU D 258 64.99 -25.83 -14.67
C LEU D 258 63.59 -25.41 -15.08
N HIS D 259 62.71 -26.38 -15.32
CA HIS D 259 61.34 -26.09 -15.75
C HIS D 259 60.36 -27.12 -15.23
N SER D 260 59.14 -26.66 -14.95
CA SER D 260 57.98 -27.47 -14.60
C SER D 260 56.85 -26.99 -15.46
N ASP D 261 56.11 -27.92 -16.09
CA ASP D 261 54.92 -27.57 -16.85
C ASP D 261 53.84 -27.12 -15.85
N ALA D 262 52.87 -26.32 -16.31
CA ALA D 262 51.76 -25.90 -15.47
C ALA D 262 50.83 -27.11 -15.27
N PHE D 263 50.04 -27.09 -14.21
CA PHE D 263 49.07 -28.14 -13.96
C PHE D 263 47.69 -27.45 -13.88
N PRO D 264 47.14 -26.99 -15.04
CA PRO D 264 45.84 -26.31 -15.01
C PRO D 264 44.70 -27.19 -14.49
N PRO D 265 43.73 -26.60 -13.76
CA PRO D 265 42.61 -27.39 -13.24
C PRO D 265 41.63 -27.77 -14.37
N PRO D 266 40.61 -28.66 -14.16
CA PRO D 266 39.66 -28.95 -15.26
C PRO D 266 38.92 -27.67 -15.71
N ARG D 267 38.58 -26.80 -14.74
CA ARG D 267 37.97 -25.50 -14.99
C ARG D 267 38.65 -24.40 -14.17
N VAL D 268 39.25 -23.42 -14.87
CA VAL D 268 39.92 -22.27 -14.24
C VAL D 268 38.85 -21.18 -13.96
N VAL D 269 38.58 -20.97 -12.68
CA VAL D 269 37.55 -20.06 -12.17
C VAL D 269 38.09 -18.84 -11.41
N ASP D 270 39.26 -18.97 -10.73
CA ASP D 270 39.82 -17.88 -9.92
C ASP D 270 41.38 -17.88 -9.92
N THR D 271 41.99 -16.94 -10.68
CA THR D 271 43.47 -16.81 -10.75
C THR D 271 43.98 -15.73 -9.78
N LEU D 272 43.08 -15.12 -8.98
CA LEU D 272 43.45 -14.11 -7.99
C LEU D 272 44.18 -14.79 -6.83
N GLY D 273 45.45 -14.43 -6.66
CA GLY D 273 46.33 -15.00 -5.65
C GLY D 273 47.16 -16.19 -6.12
N ALA D 274 47.03 -16.59 -7.42
CA ALA D 274 47.78 -17.72 -8.03
C ALA D 274 49.27 -17.51 -7.98
N GLY D 275 49.70 -16.29 -8.30
CA GLY D 275 51.09 -15.87 -8.25
C GLY D 275 51.70 -16.04 -6.87
N ASP D 276 50.94 -15.71 -5.83
CA ASP D 276 51.37 -15.82 -4.44
C ASP D 276 51.38 -17.25 -3.96
N THR D 277 50.42 -18.06 -4.45
CA THR D 277 50.28 -19.48 -4.15
C THR D 277 51.53 -20.21 -4.63
N PHE D 278 52.06 -19.80 -5.81
CA PHE D 278 53.29 -20.34 -6.37
C PHE D 278 54.50 -19.97 -5.51
N ASN D 279 54.68 -18.67 -5.20
CA ASN D 279 55.79 -18.17 -4.39
C ASN D 279 55.87 -18.81 -3.00
N ALA D 280 54.74 -18.93 -2.31
CA ALA D 280 54.65 -19.52 -0.98
C ALA D 280 54.90 -21.03 -1.01
N SER D 281 54.41 -21.74 -2.07
CA SER D 281 54.65 -23.18 -2.24
C SER D 281 56.13 -23.48 -2.52
N VAL D 282 56.81 -22.59 -3.29
CA VAL D 282 58.24 -22.69 -3.60
C VAL D 282 59.05 -22.48 -2.30
N ILE D 283 58.72 -21.41 -1.52
CA ILE D 283 59.35 -21.09 -0.24
C ILE D 283 59.19 -22.30 0.70
N PHE D 284 57.94 -22.83 0.85
CA PHE D 284 57.59 -23.95 1.71
C PHE D 284 58.46 -25.17 1.38
N SER D 285 58.48 -25.55 0.09
CA SER D 285 59.25 -26.67 -0.42
C SER D 285 60.75 -26.49 -0.15
N LEU D 286 61.32 -25.31 -0.48
CA LEU D 286 62.73 -25.01 -0.26
C LEU D 286 63.15 -24.98 1.22
N SER D 287 62.29 -24.44 2.11
CA SER D 287 62.53 -24.39 3.56
C SER D 287 62.54 -25.78 4.21
N LYS D 288 61.88 -26.77 3.56
CA LYS D 288 61.82 -28.17 4.00
C LYS D 288 63.02 -28.98 3.47
N GLY D 289 63.90 -28.34 2.70
CA GLY D 289 65.11 -28.97 2.16
C GLY D 289 64.97 -29.63 0.80
N ASN D 290 63.87 -29.36 0.07
CA ASN D 290 63.66 -29.91 -1.28
C ASN D 290 64.53 -29.16 -2.30
N SER D 291 64.82 -29.81 -3.44
CA SER D 291 65.61 -29.20 -4.52
C SER D 291 64.78 -28.13 -5.26
N MET D 292 65.44 -27.33 -6.13
CA MET D 292 64.76 -26.30 -6.90
C MET D 292 63.76 -26.91 -7.91
N GLN D 293 64.13 -28.06 -8.53
CA GLN D 293 63.30 -28.79 -9.48
C GLN D 293 62.01 -29.30 -8.80
N GLU D 294 62.13 -29.84 -7.57
CA GLU D 294 61.01 -30.31 -6.75
C GLU D 294 60.13 -29.14 -6.31
N ALA D 295 60.75 -27.99 -5.94
CA ALA D 295 60.03 -26.78 -5.53
C ALA D 295 59.22 -26.16 -6.69
N LEU D 296 59.82 -26.16 -7.92
CA LEU D 296 59.18 -25.66 -9.14
C LEU D 296 57.92 -26.48 -9.46
N ARG D 297 58.03 -27.83 -9.40
CA ARG D 297 56.93 -28.77 -9.65
C ARG D 297 55.80 -28.56 -8.63
N PHE D 298 56.14 -28.55 -7.33
CA PHE D 298 55.22 -28.35 -6.21
C PHE D 298 54.47 -27.02 -6.32
N GLY D 299 55.21 -25.96 -6.68
CA GLY D 299 54.67 -24.62 -6.88
C GLY D 299 53.59 -24.61 -7.95
N CYS D 300 53.84 -25.31 -9.08
CA CYS D 300 52.88 -25.40 -10.18
C CYS D 300 51.67 -26.27 -9.83
N GLN D 301 51.88 -27.35 -9.04
CA GLN D 301 50.82 -28.27 -8.58
C GLN D 301 49.83 -27.56 -7.65
N VAL D 302 50.34 -26.82 -6.63
CA VAL D 302 49.52 -26.11 -5.65
C VAL D 302 48.81 -24.90 -6.29
N ALA D 303 49.55 -24.08 -7.08
CA ALA D 303 48.96 -22.91 -7.76
C ALA D 303 47.97 -23.32 -8.84
N GLY D 304 48.23 -24.45 -9.50
CA GLY D 304 47.35 -25.06 -10.49
C GLY D 304 46.03 -25.49 -9.89
N LYS D 305 46.08 -26.16 -8.72
CA LYS D 305 44.90 -26.57 -7.95
C LYS D 305 44.08 -25.34 -7.46
N LYS D 306 44.75 -24.30 -6.93
CA LYS D 306 44.08 -23.11 -6.40
C LYS D 306 43.33 -22.32 -7.50
N CYS D 307 43.77 -22.45 -8.77
CA CYS D 307 43.13 -21.79 -9.91
C CYS D 307 41.75 -22.37 -10.27
N GLY D 308 41.44 -23.54 -9.74
CA GLY D 308 40.15 -24.21 -9.94
C GLY D 308 39.25 -24.07 -8.74
N LEU D 309 39.61 -23.18 -7.81
CA LEU D 309 38.85 -22.94 -6.57
C LEU D 309 38.69 -21.45 -6.30
N GLN D 310 37.57 -21.03 -5.68
CA GLN D 310 37.39 -19.63 -5.29
C GLN D 310 38.12 -19.47 -3.96
N GLY D 311 39.07 -18.54 -3.90
CA GLY D 311 39.88 -18.29 -2.72
C GLY D 311 41.10 -19.20 -2.58
N PHE D 312 41.47 -19.54 -1.33
CA PHE D 312 42.65 -20.35 -1.01
C PHE D 312 42.37 -21.65 -0.28
N ASP D 313 41.32 -21.69 0.56
CA ASP D 313 40.93 -22.78 1.48
C ASP D 313 40.91 -24.23 0.90
N GLY D 314 40.58 -24.38 -0.38
CA GLY D 314 40.49 -25.71 -0.98
C GLY D 314 41.78 -26.39 -1.42
N ILE D 315 42.95 -25.73 -1.28
CA ILE D 315 44.25 -26.31 -1.71
C ILE D 315 44.67 -27.54 -0.88
N VAL D 316 44.19 -27.62 0.38
CA VAL D 316 44.48 -28.74 1.30
C VAL D 316 43.18 -29.34 1.85
C4 VTJ E . -34.09 -18.30 -6.25
C5 VTJ E . -35.36 -17.97 -5.69
C6 VTJ E . -35.73 -16.61 -5.76
C8 VTJ E . -37.44 -17.69 -4.74
C10 VTJ E . -36.57 -20.15 -4.83
C15 VTJ E . -31.85 -19.95 -6.93
C17 VTJ E . -38.84 -18.97 -3.13
C20 VTJ E . -41.12 -17.54 -3.97
C21 VTJ E . -41.20 -18.49 -2.96
C22 VTJ E . -40.08 -19.18 -2.54
C26 VTJ E . -42.36 -13.51 -2.52
C28 VTJ E . -43.84 -14.77 -3.95
C1 VTJ E . -33.32 -17.34 -6.90
C2 VTJ E . -33.71 -16.02 -6.91
C3 VTJ E . -34.93 -15.64 -6.35
N7 VTJ E . -36.98 -16.46 -5.18
C9 VTJ E . -36.49 -18.66 -5.03
C11 VTJ E . -36.94 -20.71 -3.45
C12 VTJ E . -37.66 -19.70 -2.52
S13 VTJ E . -33.49 -20.00 -6.34
O14 VTJ E . -34.29 -20.69 -7.31
O16 VTJ E . -33.46 -20.52 -5.00
C18 VTJ E . -38.72 -17.98 -4.12
C19 VTJ E . -39.86 -17.30 -4.53
C23 VTJ E . -42.32 -16.75 -4.40
N24 VTJ E . -42.77 -15.73 -3.38
C25 VTJ E . -41.71 -14.87 -2.69
C27 VTJ E . -43.25 -13.34 -3.76
C29 VTJ E . -44.31 -12.26 -3.60
C30 VTJ E . -45.06 -12.14 -2.43
C31 VTJ E . -46.03 -11.16 -2.30
C32 VTJ E . -46.27 -10.27 -3.33
C33 VTJ E . -45.53 -10.36 -4.49
C34 VTJ E . -44.58 -11.37 -4.64
O35 VTJ E . -42.38 -13.23 -4.90
C4 VTJ F . 21.16 12.83 -17.01
C5 VTJ F . 22.39 12.48 -17.67
C6 VTJ F . 22.82 11.14 -17.49
C8 VTJ F . 24.39 12.18 -18.77
C10 VTJ F . 23.31 14.54 -19.04
C15 VTJ F . 19.08 14.52 -16.05
C17 VTJ F . 26.16 13.63 -19.71
C20 VTJ F . 26.89 11.56 -21.48
C21 VTJ F . 27.57 12.77 -21.48
C22 VTJ F . 27.22 13.79 -20.61
C26 VTJ F . 29.46 8.12 -20.35
C28 VTJ F . 28.81 8.40 -22.67
C1 VTJ F . 20.42 11.87 -16.33
C2 VTJ F . 20.91 10.59 -16.15
C3 VTJ F . 22.11 10.20 -16.75
N7 VTJ F . 24.01 10.98 -18.19
C9 VTJ F . 23.42 13.13 -18.51
C11 VTJ F . 24.52 15.47 -18.88
C12 VTJ F . 25.88 14.74 -18.73
S13 VTJ F . 20.42 14.45 -17.16
O14 VTJ F . 19.91 14.57 -18.49
O16 VTJ F . 21.39 15.41 -16.74
C18 VTJ F . 25.49 12.39 -19.67
C19 VTJ F . 25.85 11.39 -20.59
C23 VTJ F . 27.32 10.43 -22.39
N24 VTJ F . 28.58 9.73 -21.93
C25 VTJ F . 28.75 9.47 -20.43
C27 VTJ F . 28.98 7.33 -21.56
C29 VTJ F . 29.93 6.19 -21.94
C30 VTJ F . 29.43 4.95 -22.35
C31 VTJ F . 30.28 3.92 -22.69
C32 VTJ F . 31.65 4.11 -22.67
C33 VTJ F . 32.16 5.35 -22.31
C34 VTJ F . 31.31 6.38 -21.96
O35 VTJ F . 27.60 6.98 -21.39
C4 VTJ G . -52.32 18.86 8.77
C5 VTJ G . -52.39 18.18 7.51
C6 VTJ G . -51.90 16.85 7.51
C8 VTJ G . -52.64 17.28 5.41
C10 VTJ G . -53.57 19.70 5.71
C15 VTJ G . -52.52 21.01 10.61
C17 VTJ G . -52.87 18.11 3.07
C20 VTJ G . -53.79 15.57 2.26
C21 VTJ G . -53.67 16.61 1.34
C22 VTJ G . -53.21 17.85 1.74
C26 VTJ G . -51.57 11.80 1.52
C28 VTJ G . -53.87 11.98 0.81
C1 VTJ G . -51.77 18.26 9.89
C2 VTJ G . -51.28 16.96 9.83
C3 VTJ G . -51.35 16.26 8.64
N7 VTJ G . -52.06 16.34 6.23
C9 VTJ G . -52.87 18.43 6.12
C11 VTJ G . -53.29 20.30 4.32
C12 VTJ G . -52.35 19.47 3.44
S13 VTJ G . -52.96 20.51 8.99
O14 VTJ G . -54.39 20.44 8.93
O16 VTJ G . -52.30 21.37 8.06
C18 VTJ G . -52.99 17.07 4.00
C19 VTJ G . -53.46 15.82 3.58
C23 VTJ G . -54.31 14.22 1.84
N24 VTJ G . -53.32 13.39 1.04
C25 VTJ G . -51.93 13.28 1.62
C27 VTJ G . -52.91 11.05 1.60
C29 VTJ G . -52.85 9.64 1.02
C30 VTJ G . -53.38 8.57 1.73
C31 VTJ G . -53.35 7.28 1.21
C32 VTJ G . -52.81 7.05 -0.04
C33 VTJ G . -52.32 8.11 -0.78
C34 VTJ G . -52.34 9.40 -0.26
O35 VTJ G . -53.43 11.10 2.93
C4 VTJ H . 50.50 -19.82 -12.18
C5 VTJ H . 49.36 -19.60 -13.01
C6 VTJ H . 48.84 -18.28 -13.02
C8 VTJ H . 47.59 -19.49 -14.47
C10 VTJ H . 48.74 -21.81 -14.33
C15 VTJ H . 52.43 -21.28 -10.70
C17 VTJ H . 45.89 -21.10 -15.36
C20 VTJ H . 45.19 -19.26 -17.37
C21 VTJ H . 44.55 -20.49 -17.28
C22 VTJ H . 44.88 -21.38 -16.28
C26 VTJ H . 42.90 -15.38 -17.18
C28 VTJ H . 43.32 -16.43 -19.29
C1 VTJ H . 51.04 -18.78 -11.41
C2 VTJ H . 50.47 -17.52 -11.45
C3 VTJ H . 49.39 -17.25 -12.27
N7 VTJ H . 47.77 -18.24 -13.91
C9 VTJ H . 48.51 -20.37 -13.96
C11 VTJ H . 47.56 -22.78 -14.34
C12 VTJ H . 46.18 -22.10 -14.27
S13 VTJ H . 51.34 -21.39 -12.06
O14 VTJ H . 50.34 -22.39 -11.76
O16 VTJ H . 52.12 -21.56 -13.25
C18 VTJ H . 46.54 -19.86 -15.45
C19 VTJ H . 46.19 -18.95 -16.46
C23 VTJ H . 44.83 -18.28 -18.45
N24 VTJ H . 43.57 -17.47 -18.18
C25 VTJ H . 43.50 -16.74 -16.84
C27 VTJ H . 43.43 -15.06 -18.59
C29 VTJ H . 42.66 -13.95 -19.32
C30 VTJ H . 41.27 -14.00 -19.44
C31 VTJ H . 40.59 -13.01 -20.13
C32 VTJ H . 41.27 -11.97 -20.72
C33 VTJ H . 42.66 -11.92 -20.63
C34 VTJ H . 43.34 -12.92 -19.96
O35 VTJ H . 44.85 -14.85 -18.58
#